data_6NF4
#
_entry.id   6NF4
#
_cell.length_a   1.000
_cell.length_b   1.000
_cell.length_c   1.000
_cell.angle_alpha   90.000
_cell.angle_beta   90.000
_cell.angle_gamma   90.000
#
_symmetry.space_group_name_H-M   'P 1'
#
loop_
_entity.id
_entity.type
_entity.pdbx_description
1 polymer Otopetrin1
2 non-polymer 'CHOLESTEROL HEMISUCCINATE'
3 non-polymer CHOLESTEROL
#
_entity_poly.entity_id   1
_entity_poly.type   'polypeptide(L)'
_entity_poly.pdbx_seq_one_letter_code
;GPVEHGGTDSMWLNKYNPAAASSASSSSSSDAENKLFSRLKVSLTKKYPQKNAELLSAQYGTNLLLLGVSVMLALAAQSG
PVKEEHLLSFITVLMLVQLVWMLCYMIRRERERSPVPERDAHAGASWIRGGLTMLALLSLIMDAFRIGYFVGYHSCISAA
LGVYPIVHALHTISQVHFLWFHIKDVIKKYETFERFGVIHAVFTNLLLWCNGVMSETEHFMHNHRRRLIEMGYANLSTVD
VQPHCNCTTSVCSMFSTSLYYLYPFNIEYHIFVSAMLFVMWKNIGRTLDRHSNRKRRSTGSTGLLLGPLGGLVALASSVS
VLVVYLIHLEKTEEMHEAAVSMFYYYGVAMMACMCVGSGTGLLVYRMENRPMDTGSNPARTLDTELLLASSLGSWLMSWC
SVVASVAEAGQKSPSFSWTSLTYSLLLVLEKCIQNLFIVESLYRRHSEEEEDAAAPQVFSVAVPPYDGILNHGYEAHDKH
REAEPAAGSHALSRKQPDAPLPAGQRLDVTPGRKRQILKNICMFLFMCNISLWILPAFGCRPQYDNPLENETFGTSVWTT
VLNVAIPLNLFYRMHSVASLFEVFRKV
;
_entity_poly.pdbx_strand_id   A,B
#
# COMPACT_ATOMS: atom_id res chain seq x y z
N LYS A 47 -17.14 22.66 -19.53
CA LYS A 47 -16.30 22.29 -20.66
C LYS A 47 -15.89 20.83 -20.58
N TYR A 48 -15.54 20.38 -19.38
CA TYR A 48 -15.02 19.03 -19.20
C TYR A 48 -15.61 18.46 -17.91
N PRO A 49 -16.06 17.21 -17.94
CA PRO A 49 -16.73 16.64 -16.77
C PRO A 49 -15.77 16.39 -15.61
N GLN A 50 -16.34 16.36 -14.39
CA GLN A 50 -15.50 16.30 -13.20
C GLN A 50 -15.07 14.88 -12.85
N LYS A 51 -15.93 13.88 -13.08
CA LYS A 51 -15.55 12.50 -12.78
C LYS A 51 -14.44 12.00 -13.69
N ASN A 52 -14.41 12.46 -14.94
CA ASN A 52 -13.32 12.12 -15.82
C ASN A 52 -12.05 12.87 -15.43
N ALA A 53 -12.20 14.10 -14.94
CA ALA A 53 -11.05 14.86 -14.44
C ALA A 53 -10.42 14.17 -13.24
N GLU A 54 -11.23 13.71 -12.29
CA GLU A 54 -10.67 13.07 -11.11
C GLU A 54 -10.10 11.70 -11.43
N LEU A 55 -10.70 10.98 -12.39
CA LEU A 55 -10.14 9.69 -12.79
C LEU A 55 -8.83 9.85 -13.56
N LEU A 56 -8.75 10.83 -14.45
CA LEU A 56 -7.49 11.10 -15.15
C LEU A 56 -6.40 11.55 -14.19
N SER A 57 -6.76 12.38 -13.20
CA SER A 57 -5.77 12.83 -12.23
C SER A 57 -5.31 11.68 -11.35
N ALA A 58 -6.22 10.77 -10.99
CA ALA A 58 -5.84 9.59 -10.22
C ALA A 58 -4.89 8.69 -11.00
N GLN A 59 -5.16 8.48 -12.29
CA GLN A 59 -4.29 7.64 -13.10
C GLN A 59 -2.93 8.30 -13.32
N TYR A 60 -2.91 9.62 -13.53
CA TYR A 60 -1.67 10.34 -13.70
C TYR A 60 -0.79 10.27 -12.45
N GLY A 61 -1.37 10.55 -11.29
CA GLY A 61 -0.61 10.49 -10.06
C GLY A 61 -0.15 9.09 -9.70
N THR A 62 -0.99 8.09 -9.97
CA THR A 62 -0.61 6.70 -9.75
C THR A 62 0.55 6.29 -10.64
N ASN A 63 0.53 6.69 -11.92
CA ASN A 63 1.65 6.41 -12.80
C ASN A 63 2.91 7.18 -12.40
N LEU A 64 2.75 8.37 -11.83
CA LEU A 64 3.89 9.14 -11.34
C LEU A 64 4.56 8.41 -10.18
N LEU A 65 3.76 7.91 -9.24
CA LEU A 65 4.27 7.11 -8.14
C LEU A 65 4.96 5.85 -8.62
N LEU A 66 4.35 5.14 -9.57
CA LEU A 66 4.92 3.87 -10.04
C LEU A 66 6.19 4.10 -10.85
N LEU A 67 6.30 5.24 -11.54
CA LEU A 67 7.56 5.59 -12.20
C LEU A 67 8.65 5.85 -11.19
N GLY A 68 8.33 6.56 -10.10
CA GLY A 68 9.30 6.75 -9.04
C GLY A 68 9.73 5.46 -8.36
N VAL A 69 8.78 4.55 -8.15
CA VAL A 69 9.07 3.24 -7.57
C VAL A 69 9.96 2.42 -8.50
N SER A 70 9.71 2.52 -9.82
CA SER A 70 10.55 1.84 -10.80
C SER A 70 11.98 2.36 -10.78
N VAL A 71 12.15 3.67 -10.64
CA VAL A 71 13.50 4.26 -10.54
C VAL A 71 14.19 3.78 -9.26
N MET A 72 13.45 3.73 -8.15
CA MET A 72 14.03 3.24 -6.89
C MET A 72 14.42 1.77 -6.96
N LEU A 73 13.61 0.95 -7.64
CA LEU A 73 13.94 -0.46 -7.81
C LEU A 73 15.17 -0.65 -8.69
N ALA A 74 15.31 0.19 -9.73
CA ALA A 74 16.53 0.13 -10.54
C ALA A 74 17.74 0.62 -9.75
N LEU A 75 17.52 1.54 -8.81
CA LEU A 75 18.61 2.09 -8.01
C LEU A 75 19.10 1.07 -6.98
N ALA A 76 18.17 0.36 -6.33
CA ALA A 76 18.54 -0.55 -5.25
C ALA A 76 19.37 -1.73 -5.75
N ALA A 77 19.08 -2.22 -6.95
CA ALA A 77 19.94 -3.20 -7.61
C ALA A 77 21.15 -2.46 -8.17
N GLN A 78 22.19 -2.37 -7.35
CA GLN A 78 23.32 -1.49 -7.65
C GLN A 78 24.12 -1.93 -8.86
N SER A 79 24.00 -3.21 -9.26
CA SER A 79 24.60 -3.69 -10.50
C SER A 79 23.76 -3.23 -11.70
N GLY A 80 23.89 -1.93 -12.00
CA GLY A 80 23.14 -1.34 -13.08
C GLY A 80 23.56 0.08 -13.35
N PRO A 81 23.06 0.68 -14.44
CA PRO A 81 23.50 2.02 -14.83
C PRO A 81 22.83 3.16 -14.06
N VAL A 82 21.73 2.90 -13.34
CA VAL A 82 20.95 3.95 -12.71
C VAL A 82 21.60 4.30 -11.37
N LYS A 83 21.92 5.57 -11.19
CA LYS A 83 22.60 6.07 -9.99
C LYS A 83 21.68 7.05 -9.26
N GLU A 84 22.11 7.43 -8.04
CA GLU A 84 21.26 8.21 -7.14
C GLU A 84 20.99 9.61 -7.67
N GLU A 85 21.91 10.17 -8.47
CA GLU A 85 21.69 11.50 -9.03
C GLU A 85 20.57 11.48 -10.06
N HIS A 86 20.27 10.33 -10.65
CA HIS A 86 19.14 10.24 -11.56
C HIS A 86 17.82 10.31 -10.82
N LEU A 87 17.74 9.66 -9.65
CA LEU A 87 16.55 9.79 -8.80
C LEU A 87 16.39 11.20 -8.28
N LEU A 88 17.51 11.84 -7.92
CA LEU A 88 17.45 13.22 -7.45
C LEU A 88 17.04 14.18 -8.57
N SER A 89 17.48 13.90 -9.81
CA SER A 89 17.07 14.72 -10.94
C SER A 89 15.59 14.54 -11.24
N PHE A 90 15.07 13.32 -11.12
CA PHE A 90 13.65 13.05 -11.32
C PHE A 90 12.80 13.79 -10.29
N ILE A 91 13.19 13.72 -9.01
CA ILE A 91 12.44 14.39 -7.96
C ILE A 91 12.57 15.91 -8.09
N THR A 92 13.74 16.40 -8.53
CA THR A 92 13.94 17.82 -8.77
C THR A 92 13.03 18.34 -9.89
N VAL A 93 12.86 17.55 -10.95
CA VAL A 93 11.94 17.93 -12.03
C VAL A 93 10.50 17.96 -11.51
N LEU A 94 10.13 17.01 -10.65
CA LEU A 94 8.78 17.03 -10.07
C LEU A 94 8.54 18.25 -9.18
N MET A 95 9.55 18.64 -8.40
CA MET A 95 9.43 19.83 -7.57
C MET A 95 9.35 21.09 -8.42
N LEU A 96 10.09 21.14 -9.54
CA LEU A 96 10.00 22.29 -10.43
C LEU A 96 8.63 22.40 -11.10
N VAL A 97 8.04 21.26 -11.48
CA VAL A 97 6.70 21.28 -12.06
C VAL A 97 5.67 21.76 -11.04
N GLN A 98 5.81 21.33 -9.78
CA GLN A 98 4.90 21.81 -8.75
C GLN A 98 5.10 23.31 -8.47
N LEU A 99 6.34 23.78 -8.53
CA LEU A 99 6.61 25.21 -8.36
C LEU A 99 5.97 26.04 -9.47
N VAL A 100 6.06 25.55 -10.71
CA VAL A 100 5.44 26.25 -11.84
C VAL A 100 3.93 26.28 -11.69
N TRP A 101 3.34 25.16 -11.25
CA TRP A 101 1.88 25.13 -11.04
C TRP A 101 1.45 26.07 -9.94
N MET A 102 2.19 26.12 -8.83
CA MET A 102 1.82 27.01 -7.73
C MET A 102 1.97 28.46 -8.11
N LEU A 103 2.98 28.78 -8.93
CA LEU A 103 3.15 30.12 -9.46
C LEU A 103 1.96 30.54 -10.34
N CYS A 104 1.55 29.66 -11.26
CA CYS A 104 0.40 29.98 -12.12
C CYS A 104 -0.89 30.11 -11.32
N TYR A 105 -1.05 29.27 -10.29
CA TYR A 105 -2.24 29.33 -9.45
C TYR A 105 -2.30 30.64 -8.67
N MET A 106 -1.18 31.08 -8.09
CA MET A 106 -1.23 32.31 -7.31
C MET A 106 -1.40 33.52 -8.20
N ILE A 107 -0.80 33.52 -9.40
CA ILE A 107 -1.02 34.67 -10.27
C ILE A 107 -2.41 34.65 -10.89
N ARG A 108 -3.06 33.49 -10.94
CA ARG A 108 -4.47 33.51 -11.34
C ARG A 108 -5.37 34.00 -10.21
N ARG A 109 -5.07 33.61 -8.96
CA ARG A 109 -5.91 34.06 -7.85
C ARG A 109 -5.73 35.55 -7.56
N GLU A 110 -4.52 36.10 -7.76
CA GLU A 110 -4.32 37.53 -7.51
C GLU A 110 -4.97 38.44 -8.54
N ARG A 111 -5.71 37.90 -9.51
CA ARG A 111 -6.66 38.65 -10.31
C ARG A 111 -8.04 38.73 -9.64
N GLU A 112 -8.20 38.10 -8.47
CA GLU A 112 -9.45 38.10 -7.73
C GLU A 112 -9.17 38.53 -6.29
N ARG A 113 -10.16 39.15 -5.65
CA ARG A 113 -10.06 39.55 -4.25
C ARG A 113 -11.33 39.11 -3.52
N SER A 114 -11.22 39.02 -2.19
CA SER A 114 -12.34 38.68 -1.33
C SER A 114 -13.41 39.78 -1.33
N GLY A 124 -9.68 24.48 14.84
CA GLY A 124 -8.52 23.62 14.89
C GLY A 124 -7.57 23.82 13.73
N ALA A 125 -7.76 24.92 13.00
CA ALA A 125 -6.86 25.24 11.89
C ALA A 125 -5.50 25.67 12.42
N SER A 126 -5.46 26.32 13.59
CA SER A 126 -4.22 26.81 14.14
C SER A 126 -3.27 25.69 14.57
N TRP A 127 -3.82 24.54 14.97
CA TRP A 127 -2.99 23.39 15.32
C TRP A 127 -2.28 22.87 14.08
N ILE A 128 -3.01 22.81 12.96
CA ILE A 128 -2.45 22.30 11.72
C ILE A 128 -1.42 23.26 11.17
N ARG A 129 -1.70 24.57 11.23
CA ARG A 129 -0.75 25.57 10.76
C ARG A 129 0.51 25.61 11.61
N GLY A 130 0.37 25.46 12.94
CA GLY A 130 1.52 25.43 13.81
C GLY A 130 2.41 24.22 13.58
N GLY A 131 1.79 23.05 13.42
CA GLY A 131 2.55 21.85 13.11
C GLY A 131 3.28 21.95 11.78
N LEU A 132 2.59 22.43 10.75
CA LEU A 132 3.19 22.62 9.43
C LEU A 132 4.35 23.60 9.47
N THR A 133 4.17 24.72 10.17
CA THR A 133 5.22 25.74 10.21
C THR A 133 6.43 25.29 11.01
N MET A 134 6.21 24.59 12.13
CA MET A 134 7.33 24.07 12.92
C MET A 134 8.15 23.04 12.13
N LEU A 135 7.46 22.09 11.49
CA LEU A 135 8.17 21.07 10.72
C LEU A 135 8.82 21.67 9.49
N ALA A 136 8.21 22.71 8.91
CA ALA A 136 8.80 23.40 7.78
C ALA A 136 10.05 24.17 8.16
N LEU A 137 10.05 24.80 9.34
CA LEU A 137 11.24 25.49 9.81
C LEU A 137 12.38 24.52 10.06
N LEU A 138 12.08 23.36 10.64
CA LEU A 138 13.15 22.38 10.86
C LEU A 138 13.67 21.81 9.55
N SER A 139 12.79 21.60 8.57
CA SER A 139 13.20 21.16 7.26
C SER A 139 14.08 22.20 6.56
N LEU A 140 13.70 23.48 6.66
CA LEU A 140 14.50 24.55 6.07
C LEU A 140 15.84 24.70 6.75
N ILE A 141 15.91 24.46 8.07
CA ILE A 141 17.19 24.49 8.76
C ILE A 141 18.10 23.37 8.25
N MET A 142 17.53 22.18 8.05
CA MET A 142 18.33 21.08 7.51
C MET A 142 18.80 21.36 6.09
N ASP A 143 17.95 21.99 5.27
CA ASP A 143 18.36 22.36 3.92
C ASP A 143 19.42 23.44 3.93
N ALA A 144 19.36 24.37 4.89
CA ALA A 144 20.40 25.38 5.03
C ALA A 144 21.73 24.75 5.41
N PHE A 145 21.69 23.71 6.26
CA PHE A 145 22.91 22.97 6.59
C PHE A 145 23.47 22.25 5.37
N ARG A 146 22.60 21.69 4.53
CA ARG A 146 23.07 21.02 3.32
C ARG A 146 23.71 21.99 2.33
N ILE A 147 23.11 23.17 2.16
CA ILE A 147 23.67 24.18 1.27
C ILE A 147 24.99 24.71 1.81
N GLY A 148 25.06 24.92 3.13
CA GLY A 148 26.30 25.35 3.77
C GLY A 148 27.42 24.34 3.63
N TYR A 149 27.09 23.04 3.72
CA TYR A 149 28.09 22.02 3.43
C TYR A 149 28.51 22.04 1.96
N PHE A 150 27.55 22.23 1.05
CA PHE A 150 27.87 22.26 -0.38
C PHE A 150 28.71 23.47 -0.77
N VAL A 151 28.70 24.54 0.02
CA VAL A 151 29.58 25.67 -0.27
C VAL A 151 30.82 25.67 0.62
N GLY A 152 31.02 24.63 1.42
CA GLY A 152 32.14 24.57 2.34
C GLY A 152 32.93 23.28 2.35
N TYR A 153 33.15 22.64 1.20
CA TYR A 153 33.65 21.28 1.18
C TYR A 153 34.58 21.07 -0.01
N HIS A 154 35.15 19.86 -0.10
CA HIS A 154 35.94 19.46 -1.25
C HIS A 154 35.01 19.03 -2.38
N SER A 155 34.97 19.81 -3.46
CA SER A 155 33.92 19.67 -4.46
C SER A 155 34.08 18.42 -5.32
N CYS A 156 33.77 17.26 -4.75
CA CYS A 156 33.98 15.99 -5.42
C CYS A 156 32.69 15.17 -5.58
N ILE A 157 31.53 15.78 -5.33
CA ILE A 157 30.25 15.11 -5.56
C ILE A 157 29.52 15.86 -6.67
N SER A 158 28.51 15.21 -7.22
CA SER A 158 27.89 15.67 -8.45
C SER A 158 27.06 16.94 -8.21
N ALA A 159 26.74 17.62 -9.31
CA ALA A 159 25.99 18.86 -9.24
C ALA A 159 24.55 18.65 -8.79
N ALA A 160 24.00 17.44 -8.99
CA ALA A 160 22.64 17.14 -8.58
C ALA A 160 22.47 17.19 -7.07
N LEU A 161 23.54 17.00 -6.31
CA LEU A 161 23.49 17.19 -4.86
C LEU A 161 23.62 18.64 -4.43
N GLY A 162 23.78 19.57 -5.37
CA GLY A 162 23.74 20.98 -5.04
C GLY A 162 22.44 21.62 -5.44
N VAL A 163 21.87 21.17 -6.56
CA VAL A 163 20.62 21.75 -7.05
C VAL A 163 19.45 21.25 -6.22
N TYR A 164 19.50 19.98 -5.80
CA TYR A 164 18.42 19.40 -4.99
C TYR A 164 18.16 20.11 -3.67
N PRO A 165 19.13 20.40 -2.79
CA PRO A 165 18.76 21.10 -1.55
C PRO A 165 18.35 22.54 -1.73
N ILE A 166 18.66 23.16 -2.87
CA ILE A 166 18.19 24.52 -3.11
C ILE A 166 16.73 24.52 -3.53
N VAL A 167 16.41 23.73 -4.56
CA VAL A 167 15.06 23.66 -5.12
C VAL A 167 14.07 23.20 -4.07
N HIS A 168 14.45 22.16 -3.30
CA HIS A 168 13.66 21.67 -2.18
C HIS A 168 13.34 22.79 -1.20
N ALA A 169 14.34 23.62 -0.89
CA ALA A 169 14.11 24.76 0.00
C ALA A 169 13.07 25.70 -0.57
N LEU A 170 13.21 26.04 -1.86
CA LEU A 170 12.20 26.88 -2.53
C LEU A 170 10.86 26.18 -2.53
N HIS A 171 10.88 24.88 -2.81
CA HIS A 171 9.66 24.06 -2.82
C HIS A 171 8.98 24.16 -1.48
N THR A 172 9.77 24.00 -0.40
CA THR A 172 9.23 24.02 0.95
C THR A 172 8.57 25.34 1.24
N ILE A 173 9.26 26.44 0.90
CA ILE A 173 8.76 27.78 1.19
C ILE A 173 7.46 28.02 0.47
N SER A 174 7.44 27.68 -0.84
CA SER A 174 6.28 27.95 -1.65
C SER A 174 5.12 27.09 -1.20
N GLN A 175 5.43 25.84 -0.84
CA GLN A 175 4.39 24.90 -0.44
C GLN A 175 3.72 25.38 0.83
N VAL A 176 4.53 25.90 1.77
CA VAL A 176 4.00 26.38 3.03
C VAL A 176 3.10 27.58 2.78
N HIS A 177 3.56 28.49 1.91
CA HIS A 177 2.79 29.67 1.55
C HIS A 177 1.46 29.28 0.96
N PHE A 178 1.49 28.28 0.06
CA PHE A 178 0.26 27.78 -0.56
C PHE A 178 -0.64 27.18 0.50
N LEU A 179 -0.08 26.30 1.33
CA LEU A 179 -0.86 25.63 2.36
C LEU A 179 -1.23 26.59 3.47
N TRP A 180 -0.56 27.73 3.57
CA TRP A 180 -1.02 28.74 4.50
C TRP A 180 -2.23 29.47 3.95
N PHE A 181 -2.14 29.96 2.71
CA PHE A 181 -3.03 31.03 2.31
C PHE A 181 -4.13 30.62 1.36
N HIS A 182 -3.84 29.76 0.40
CA HIS A 182 -4.75 29.53 -0.70
C HIS A 182 -5.60 28.28 -0.50
N ILE A 183 -5.59 27.69 0.70
CA ILE A 183 -6.28 26.44 0.97
C ILE A 183 -7.24 26.54 2.15
N LYS A 184 -6.94 27.35 3.15
CA LYS A 184 -7.63 27.28 4.43
C LYS A 184 -8.96 28.03 4.29
N ASP A 185 -9.98 27.27 3.88
CA ASP A 185 -11.37 27.66 3.64
C ASP A 185 -11.50 28.62 2.45
N VAL A 186 -10.46 28.76 1.63
CA VAL A 186 -10.51 29.58 0.42
C VAL A 186 -10.17 28.65 -0.73
N ILE A 187 -11.19 27.98 -1.28
CA ILE A 187 -11.05 27.07 -2.40
C ILE A 187 -11.74 27.62 -3.63
N LYS A 188 -13.05 27.91 -3.52
CA LYS A 188 -13.89 28.69 -4.43
C LYS A 188 -14.13 28.08 -5.80
N LYS A 189 -13.49 26.95 -6.12
CA LYS A 189 -13.52 26.33 -7.43
C LYS A 189 -12.77 25.01 -7.35
N TYR A 190 -13.24 24.00 -8.07
CA TYR A 190 -12.49 22.78 -8.25
C TYR A 190 -12.65 22.34 -9.70
N GLU A 191 -11.54 22.35 -10.44
CA GLU A 191 -11.53 22.01 -11.85
C GLU A 191 -10.36 21.08 -12.13
N THR A 192 -10.06 20.90 -13.41
CA THR A 192 -8.97 20.02 -13.82
C THR A 192 -7.62 20.54 -13.36
N PHE A 193 -7.46 21.87 -13.32
CA PHE A 193 -6.20 22.50 -12.96
C PHE A 193 -5.84 22.23 -11.50
N GLU A 194 -6.79 22.46 -10.59
CA GLU A 194 -6.55 22.23 -9.18
C GLU A 194 -6.42 20.74 -8.86
N ARG A 195 -7.17 19.88 -9.54
CA ARG A 195 -7.04 18.44 -9.30
C ARG A 195 -5.69 17.92 -9.73
N PHE A 196 -5.20 18.37 -10.89
CA PHE A 196 -3.84 18.04 -11.32
C PHE A 196 -2.81 18.53 -10.32
N GLY A 197 -2.95 19.77 -9.85
CA GLY A 197 -1.99 20.32 -8.91
C GLY A 197 -1.96 19.61 -7.58
N VAL A 198 -3.14 19.31 -7.03
CA VAL A 198 -3.22 18.63 -5.74
C VAL A 198 -2.67 17.21 -5.84
N ILE A 199 -3.00 16.48 -6.91
CA ILE A 199 -2.50 15.11 -7.06
C ILE A 199 -1.00 15.09 -7.30
N HIS A 200 -0.50 16.04 -8.10
CA HIS A 200 0.94 16.16 -8.30
C HIS A 200 1.66 16.47 -7.01
N ALA A 201 1.07 17.33 -6.18
CA ALA A 201 1.67 17.68 -4.89
C ALA A 201 1.67 16.49 -3.94
N VAL A 202 0.60 15.69 -3.95
CA VAL A 202 0.51 14.49 -3.12
C VAL A 202 1.61 13.51 -3.47
N PHE A 203 1.74 13.18 -4.74
CA PHE A 203 2.69 12.13 -5.08
C PHE A 203 4.12 12.64 -5.14
N THR A 204 4.32 13.95 -5.34
CA THR A 204 5.64 14.54 -5.14
C THR A 204 6.08 14.42 -3.68
N ASN A 205 5.17 14.70 -2.75
CA ASN A 205 5.53 14.59 -1.34
C ASN A 205 5.70 13.14 -0.91
N LEU A 206 4.95 12.21 -1.51
CA LEU A 206 5.16 10.79 -1.20
C LEU A 206 6.50 10.31 -1.72
N LEU A 207 6.91 10.75 -2.91
CA LEU A 207 8.22 10.35 -3.41
C LEU A 207 9.34 11.00 -2.61
N LEU A 208 9.14 12.22 -2.13
CA LEU A 208 10.12 12.84 -1.23
C LEU A 208 10.21 12.11 0.10
N TRP A 209 9.07 11.61 0.60
CA TRP A 209 9.07 10.81 1.81
C TRP A 209 9.83 9.51 1.63
N CYS A 210 9.60 8.80 0.52
CA CYS A 210 10.30 7.55 0.26
C CYS A 210 11.78 7.75 0.06
N ASN A 211 12.16 8.82 -0.65
CA ASN A 211 13.57 9.14 -0.84
C ASN A 211 14.25 9.48 0.47
N GLY A 212 13.57 10.22 1.34
CA GLY A 212 14.15 10.52 2.64
C GLY A 212 14.25 9.30 3.55
N VAL A 213 13.26 8.41 3.48
CA VAL A 213 13.26 7.22 4.34
C VAL A 213 14.35 6.25 3.93
N MET A 214 14.46 5.97 2.63
CA MET A 214 15.36 4.91 2.19
C MET A 214 16.70 5.41 1.68
N SER A 215 16.69 6.30 0.70
CA SER A 215 17.93 6.66 0.02
C SER A 215 18.71 7.77 0.71
N GLU A 216 18.36 8.15 1.93
CA GLU A 216 19.18 9.11 2.66
C GLU A 216 19.86 8.52 3.89
N THR A 217 19.16 7.75 4.71
CA THR A 217 19.80 7.16 5.88
C THR A 217 20.39 5.78 5.62
N GLU A 218 20.25 5.24 4.42
CA GLU A 218 21.16 4.16 4.07
C GLU A 218 22.48 4.69 3.53
N HIS A 219 22.62 6.02 3.46
CA HIS A 219 23.88 6.69 3.24
C HIS A 219 24.39 7.40 4.49
N PHE A 220 23.49 7.75 5.42
CA PHE A 220 23.86 8.38 6.68
C PHE A 220 24.05 7.37 7.80
N MET A 221 23.03 6.56 8.09
CA MET A 221 23.11 5.55 9.13
C MET A 221 23.77 4.26 8.64
N HIS A 222 24.06 4.21 7.33
CA HIS A 222 24.70 3.09 6.64
C HIS A 222 23.92 1.79 6.79
N THR A 249 38.28 19.16 12.30
CA THR A 249 37.10 18.65 11.61
C THR A 249 35.85 18.80 12.46
N SER A 250 35.75 19.92 13.18
CA SER A 250 34.58 20.17 14.02
C SER A 250 33.34 20.47 13.18
N VAL A 251 33.52 21.04 11.99
CA VAL A 251 32.38 21.39 11.13
C VAL A 251 31.67 20.14 10.64
N CYS A 252 32.42 19.09 10.33
CA CYS A 252 31.81 17.82 9.92
C CYS A 252 31.05 17.17 11.06
N SER A 253 31.58 17.30 12.29
CA SER A 253 30.90 16.75 13.46
C SER A 253 29.60 17.49 13.73
N MET A 254 29.61 18.82 13.65
CA MET A 254 28.39 19.58 13.86
C MET A 254 27.38 19.33 12.75
N PHE A 255 27.86 19.16 11.50
CA PHE A 255 26.99 18.86 10.38
C PHE A 255 26.30 17.51 10.57
N SER A 256 27.06 16.47 10.90
CA SER A 256 26.48 15.14 11.08
C SER A 256 25.56 15.06 12.29
N THR A 257 25.93 15.74 13.39
CA THR A 257 25.08 15.75 14.58
C THR A 257 23.77 16.49 14.32
N SER A 258 23.84 17.62 13.61
CA SER A 258 22.65 18.37 13.26
C SER A 258 21.74 17.58 12.33
N LEU A 259 22.31 16.84 11.38
CA LEU A 259 21.49 16.00 10.52
C LEU A 259 20.83 14.88 11.30
N TYR A 260 21.55 14.28 12.24
CA TYR A 260 21.01 13.23 13.11
C TYR A 260 19.81 13.74 13.91
N TYR A 261 19.90 14.96 14.43
CA TYR A 261 18.77 15.45 15.22
C TYR A 261 17.62 15.97 14.34
N LEU A 262 17.91 16.47 13.15
CA LEU A 262 16.86 17.13 12.36
C LEU A 262 16.13 16.20 11.39
N TYR A 263 16.70 15.05 11.07
CA TYR A 263 16.14 14.14 10.06
C TYR A 263 14.67 13.72 10.24
N PRO A 264 14.21 13.22 11.40
CA PRO A 264 12.80 12.78 11.48
C PRO A 264 11.80 13.90 11.35
N PHE A 265 12.19 15.14 11.60
CA PHE A 265 11.28 16.24 11.39
C PHE A 265 11.08 16.55 9.91
N ASN A 266 12.12 16.34 9.09
CA ASN A 266 11.94 16.43 7.64
C ASN A 266 11.03 15.33 7.12
N ILE A 267 11.21 14.10 7.60
CA ILE A 267 10.36 13.00 7.17
C ILE A 267 8.91 13.21 7.60
N GLU A 268 8.73 13.65 8.85
CA GLU A 268 7.40 13.94 9.35
C GLU A 268 6.76 15.13 8.64
N TYR A 269 7.57 16.09 8.19
CA TYR A 269 7.08 17.20 7.40
C TYR A 269 6.45 16.72 6.10
N HIS A 270 7.13 15.81 5.41
CA HIS A 270 6.51 15.30 4.17
C HIS A 270 5.30 14.41 4.45
N ILE A 271 5.31 13.69 5.57
CA ILE A 271 4.12 12.94 6.01
C ILE A 271 2.95 13.88 6.26
N PHE A 272 3.21 14.97 6.97
CA PHE A 272 2.20 15.95 7.34
C PHE A 272 1.59 16.62 6.11
N VAL A 273 2.44 17.03 5.17
CA VAL A 273 1.97 17.70 3.96
C VAL A 273 1.15 16.75 3.11
N SER A 274 1.59 15.50 2.96
CA SER A 274 0.82 14.53 2.20
C SER A 274 -0.51 14.20 2.88
N ALA A 275 -0.55 14.21 4.22
CA ALA A 275 -1.80 13.98 4.93
C ALA A 275 -2.79 15.13 4.74
N MET A 276 -2.31 16.38 4.80
CA MET A 276 -3.19 17.53 4.56
C MET A 276 -3.71 17.54 3.13
N LEU A 277 -2.85 17.24 2.17
CA LEU A 277 -3.27 17.23 0.78
C LEU A 277 -4.22 16.07 0.50
N PHE A 278 -4.06 14.95 1.20
CA PHE A 278 -5.04 13.86 1.14
C PHE A 278 -6.39 14.31 1.67
N VAL A 279 -6.40 15.05 2.78
CA VAL A 279 -7.64 15.55 3.36
C VAL A 279 -8.36 16.48 2.39
N MET A 280 -7.64 17.43 1.81
CA MET A 280 -8.29 18.36 0.89
C MET A 280 -8.62 17.71 -0.45
N TRP A 281 -7.90 16.66 -0.84
CA TRP A 281 -8.27 15.90 -2.03
C TRP A 281 -9.56 15.13 -1.81
N LYS A 282 -9.68 14.50 -0.64
CA LYS A 282 -10.82 13.63 -0.38
C LYS A 282 -12.09 14.44 -0.14
N ASN A 283 -11.99 15.54 0.61
CA ASN A 283 -13.18 16.34 0.88
C ASN A 283 -13.65 17.07 -0.38
N ILE A 284 -12.74 17.73 -1.07
CA ILE A 284 -13.08 18.45 -2.29
C ILE A 284 -12.43 17.77 -3.49
N GLY A 303 -12.30 21.11 39.61
CA GLY A 303 -12.20 19.77 40.14
C GLY A 303 -11.22 18.89 39.38
N LEU A 304 -10.49 19.48 38.44
CA LEU A 304 -9.53 18.74 37.61
C LEU A 304 -8.20 18.71 38.36
N LEU A 305 -8.09 17.77 39.30
CA LEU A 305 -6.88 17.68 40.09
C LEU A 305 -5.96 16.55 39.64
N LEU A 306 -6.41 15.29 39.78
CA LEU A 306 -5.51 14.14 39.66
C LEU A 306 -5.04 13.90 38.23
N GLY A 307 -5.86 14.27 37.24
CA GLY A 307 -5.49 14.17 35.85
C GLY A 307 -4.27 15.00 35.46
N PRO A 308 -4.36 16.33 35.60
CA PRO A 308 -3.18 17.18 35.39
C PRO A 308 -1.99 16.86 36.27
N LEU A 309 -2.19 16.39 37.51
CA LEU A 309 -1.06 16.03 38.35
C LEU A 309 -0.35 14.78 37.84
N GLY A 310 -1.10 13.74 37.46
CA GLY A 310 -0.49 12.57 36.84
C GLY A 310 0.17 12.89 35.52
N GLY A 311 -0.41 13.82 34.77
CA GLY A 311 0.21 14.29 33.55
C GLY A 311 1.53 15.01 33.80
N LEU A 312 1.58 15.83 34.86
CA LEU A 312 2.83 16.52 35.19
C LEU A 312 3.89 15.55 35.68
N VAL A 313 3.49 14.50 36.40
CA VAL A 313 4.44 13.45 36.76
C VAL A 313 4.97 12.74 35.52
N ALA A 314 4.09 12.48 34.56
CA ALA A 314 4.51 11.88 33.29
C ALA A 314 5.49 12.76 32.53
N LEU A 315 5.22 14.08 32.49
CA LEU A 315 6.11 15.01 31.80
C LEU A 315 7.47 15.14 32.49
N ALA A 316 7.46 15.30 33.82
CA ALA A 316 8.71 15.44 34.57
C ALA A 316 9.56 14.19 34.46
N SER A 317 8.92 13.01 34.50
CA SER A 317 9.64 11.75 34.35
C SER A 317 10.22 11.59 32.94
N SER A 318 9.49 12.04 31.91
CA SER A 318 10.01 11.99 30.55
C SER A 318 11.21 12.89 30.36
N VAL A 319 11.15 14.12 30.90
CA VAL A 319 12.29 15.02 30.80
C VAL A 319 13.48 14.47 31.57
N SER A 320 13.24 13.81 32.71
CA SER A 320 14.33 13.19 33.45
C SER A 320 15.00 12.06 32.68
N VAL A 321 14.20 11.18 32.07
CA VAL A 321 14.74 10.08 31.27
C VAL A 321 15.49 10.61 30.04
N LEU A 322 14.94 11.65 29.41
CA LEU A 322 15.58 12.28 28.26
C LEU A 322 16.93 12.89 28.62
N VAL A 323 16.99 13.59 29.76
CA VAL A 323 18.22 14.24 30.19
C VAL A 323 19.30 13.21 30.54
N VAL A 324 18.94 12.16 31.27
CA VAL A 324 19.95 11.17 31.64
C VAL A 324 20.42 10.38 30.42
N TYR A 325 19.52 10.14 29.44
CA TYR A 325 19.93 9.46 28.22
C TYR A 325 20.86 10.33 27.39
N LEU A 326 20.54 11.62 27.23
CA LEU A 326 21.40 12.49 26.42
C LEU A 326 22.75 12.73 27.08
N ILE A 327 22.78 12.78 28.42
CA ILE A 327 24.05 12.87 29.12
C ILE A 327 24.89 11.62 28.92
N HIS A 328 24.31 10.43 29.09
CA HIS A 328 25.09 9.22 28.95
C HIS A 328 25.19 8.73 27.50
N LEU A 329 24.65 9.49 26.55
CA LEU A 329 24.88 9.28 25.12
C LEU A 329 25.97 10.20 24.59
N GLU A 330 26.01 11.45 25.08
CA GLU A 330 27.00 12.41 24.61
C GLU A 330 28.40 12.03 25.05
N LYS A 331 28.56 11.52 26.27
CA LYS A 331 29.87 11.08 26.73
C LYS A 331 30.03 9.57 26.46
N THR A 332 31.04 8.95 27.07
CA THR A 332 31.41 7.57 26.77
C THR A 332 30.39 6.58 27.34
N GLU A 333 30.62 5.30 27.02
CA GLU A 333 29.58 4.27 27.05
C GLU A 333 29.21 3.79 28.46
N GLU A 334 29.92 4.21 29.51
CA GLU A 334 29.56 3.80 30.86
C GLU A 334 28.20 4.37 31.26
N MET A 335 27.42 3.54 31.96
CA MET A 335 26.07 3.83 32.47
C MET A 335 25.05 4.06 31.35
N HIS A 336 25.33 3.62 30.14
CA HIS A 336 24.40 3.82 29.04
C HIS A 336 23.24 2.83 29.09
N GLU A 337 23.55 1.57 29.38
CA GLU A 337 22.53 0.52 29.38
C GLU A 337 21.53 0.69 30.52
N ALA A 338 21.95 1.34 31.62
CA ALA A 338 21.00 1.72 32.66
C ALA A 338 20.00 2.74 32.13
N ALA A 339 20.46 3.69 31.31
CA ALA A 339 19.57 4.68 30.72
C ALA A 339 18.61 4.03 29.71
N VAL A 340 19.10 3.04 28.96
CA VAL A 340 18.26 2.34 28.00
C VAL A 340 17.19 1.51 28.71
N SER A 341 17.58 0.80 29.78
CA SER A 341 16.61 0.04 30.57
C SER A 341 15.62 0.98 31.27
N MET A 342 16.08 2.16 31.68
CA MET A 342 15.19 3.17 32.25
C MET A 342 14.15 3.63 31.24
N PHE A 343 14.57 3.83 29.99
CA PHE A 343 13.65 4.12 28.89
C PHE A 343 12.60 3.04 28.73
N TYR A 344 13.01 1.77 28.78
CA TYR A 344 12.05 0.69 28.56
C TYR A 344 11.09 0.51 29.73
N TYR A 345 11.58 0.64 30.98
CA TYR A 345 10.68 0.52 32.12
C TYR A 345 9.71 1.69 32.20
N TYR A 346 10.18 2.90 31.87
CA TYR A 346 9.31 4.06 31.79
C TYR A 346 8.24 3.88 30.74
N GLY A 347 8.62 3.40 29.55
CA GLY A 347 7.66 3.12 28.49
C GLY A 347 6.61 2.11 28.89
N VAL A 348 7.03 1.02 29.55
CA VAL A 348 6.09 -0.03 29.97
C VAL A 348 5.09 0.49 30.99
N ALA A 349 5.58 1.18 32.03
CA ALA A 349 4.69 1.71 33.07
C ALA A 349 3.75 2.76 32.52
N MET A 350 4.25 3.62 31.63
CA MET A 350 3.43 4.69 31.10
C MET A 350 2.35 4.17 30.17
N MET A 351 2.68 3.19 29.32
CA MET A 351 1.69 2.66 28.41
C MET A 351 0.66 1.79 29.13
N ALA A 352 1.06 1.17 30.25
CA ALA A 352 0.07 0.49 31.09
C ALA A 352 -0.91 1.48 31.70
N CYS A 353 -0.41 2.63 32.17
CA CYS A 353 -1.30 3.65 32.74
C CYS A 353 -2.21 4.25 31.66
N MET A 354 -1.69 4.42 30.44
CA MET A 354 -2.52 4.94 29.37
C MET A 354 -3.57 3.93 28.93
N CYS A 355 -3.24 2.63 28.96
CA CYS A 355 -4.25 1.60 28.69
C CYS A 355 -5.35 1.62 29.73
N VAL A 356 -4.99 1.79 31.01
CA VAL A 356 -5.99 1.85 32.07
C VAL A 356 -6.89 3.08 31.91
N GLY A 357 -6.30 4.23 31.58
CA GLY A 357 -7.09 5.44 31.38
C GLY A 357 -8.04 5.37 30.20
N SER A 358 -7.53 4.89 29.06
CA SER A 358 -8.37 4.77 27.87
C SER A 358 -9.46 3.72 28.04
N GLY A 359 -9.14 2.60 28.70
CA GLY A 359 -10.15 1.61 29.01
C GLY A 359 -11.23 2.13 29.95
N THR A 360 -10.83 2.94 30.93
CA THR A 360 -11.80 3.55 31.84
C THR A 360 -12.73 4.50 31.10
N GLY A 361 -12.18 5.29 30.17
CA GLY A 361 -13.02 6.11 29.30
C GLY A 361 -14.01 5.31 28.48
N LEU A 362 -13.54 4.19 27.91
CA LEU A 362 -14.43 3.34 27.11
C LEU A 362 -15.53 2.71 27.96
N LEU A 363 -15.22 2.32 29.20
CA LEU A 363 -16.25 1.73 30.06
C LEU A 363 -17.26 2.77 30.53
N VAL A 364 -16.81 4.02 30.75
CA VAL A 364 -17.76 5.10 31.05
C VAL A 364 -18.68 5.35 29.86
N TYR A 365 -18.14 5.24 28.64
CA TYR A 365 -18.98 5.33 27.45
C TYR A 365 -19.94 4.16 27.33
N ARG A 366 -19.52 2.95 27.72
CA ARG A 366 -20.40 1.79 27.55
C ARG A 366 -21.53 1.79 28.57
N MET A 367 -21.27 2.24 29.79
CA MET A 367 -22.33 2.25 30.80
C MET A 367 -23.41 3.28 30.46
N GLU A 368 -23.03 4.41 29.89
CA GLU A 368 -24.02 5.40 29.43
C GLU A 368 -24.51 5.00 28.04
N ASN A 369 -25.71 4.44 27.97
CA ASN A 369 -26.27 4.01 26.69
C ASN A 369 -26.80 5.18 25.89
N ARG A 370 -26.57 5.14 24.58
CA ARG A 370 -26.94 6.17 23.64
C ARG A 370 -27.55 5.53 22.40
N PRO A 371 -28.40 6.25 21.66
CA PRO A 371 -28.77 5.79 20.32
C PRO A 371 -27.60 5.94 19.34
N MET A 372 -26.69 4.98 19.38
CA MET A 372 -25.39 5.11 18.76
C MET A 372 -25.45 4.93 17.25
N ASP A 373 -24.56 5.67 16.57
CA ASP A 373 -24.06 5.35 15.22
C ASP A 373 -25.15 5.36 14.14
N THR A 374 -25.96 6.41 14.13
CA THR A 374 -27.02 6.54 13.15
C THR A 374 -26.67 7.55 12.06
N GLY A 375 -25.77 8.50 12.33
CA GLY A 375 -25.52 9.59 11.42
C GLY A 375 -24.74 9.24 10.17
N SER A 376 -23.99 8.12 10.18
CA SER A 376 -23.18 7.63 9.05
C SER A 376 -22.18 8.66 8.56
N ASN A 377 -21.36 9.15 9.49
CA ASN A 377 -20.48 10.30 9.28
C ASN A 377 -19.23 9.95 8.47
N PRO A 378 -19.05 10.55 7.30
CA PRO A 378 -17.80 10.34 6.53
C PRO A 378 -16.58 11.03 7.13
N ALA A 379 -16.77 12.08 7.94
CA ALA A 379 -15.65 12.71 8.64
C ALA A 379 -15.07 11.75 9.68
N ARG A 380 -15.92 10.90 10.26
CA ARG A 380 -15.46 9.83 11.12
C ARG A 380 -14.55 8.87 10.37
N THR A 381 -14.91 8.54 9.13
CA THR A 381 -14.06 7.71 8.29
C THR A 381 -12.73 8.41 7.99
N LEU A 382 -12.76 9.72 7.76
CA LEU A 382 -11.53 10.47 7.46
C LEU A 382 -10.56 10.47 8.64
N ASP A 383 -11.03 10.84 9.83
CA ASP A 383 -10.16 10.84 11.01
C ASP A 383 -9.75 9.43 11.39
N THR A 384 -10.61 8.44 11.14
CA THR A 384 -10.29 7.05 11.41
C THR A 384 -9.15 6.56 10.52
N GLU A 385 -9.19 6.89 9.23
CA GLU A 385 -8.10 6.50 8.33
C GLU A 385 -6.81 7.23 8.67
N LEU A 386 -6.89 8.49 9.12
CA LEU A 386 -5.68 9.17 9.56
C LEU A 386 -5.05 8.49 10.78
N LEU A 387 -5.87 8.11 11.77
CA LEU A 387 -5.33 7.45 12.95
C LEU A 387 -4.78 6.06 12.65
N LEU A 388 -5.46 5.30 11.79
CA LEU A 388 -4.95 3.97 11.43
C LEU A 388 -3.67 4.05 10.61
N ALA A 389 -3.60 4.99 9.66
CA ALA A 389 -2.39 5.16 8.87
C ALA A 389 -1.22 5.61 9.73
N SER A 390 -1.48 6.42 10.75
CA SER A 390 -0.41 6.81 11.66
C SER A 390 0.01 5.63 12.55
N SER A 391 -0.94 4.80 12.95
CA SER A 391 -0.63 3.67 13.83
C SER A 391 0.13 2.56 13.14
N LEU A 392 0.09 2.51 11.79
CA LEU A 392 0.72 1.43 11.02
C LEU A 392 2.21 1.27 11.29
N GLY A 393 2.96 2.36 11.40
CA GLY A 393 4.39 2.29 11.56
C GLY A 393 4.83 1.66 12.86
N SER A 394 4.25 2.13 13.94
CA SER A 394 4.56 1.56 15.25
C SER A 394 4.02 0.15 15.41
N TRP A 395 2.90 -0.19 14.78
CA TRP A 395 2.45 -1.57 14.80
C TRP A 395 3.41 -2.49 14.08
N LEU A 396 3.96 -2.05 12.95
CA LEU A 396 4.95 -2.84 12.23
C LEU A 396 6.22 -3.02 13.04
N MET A 397 6.68 -1.95 13.69
CA MET A 397 7.87 -2.01 14.55
C MET A 397 7.67 -2.96 15.73
N SER A 398 6.49 -2.90 16.36
CA SER A 398 6.21 -3.76 17.51
C SER A 398 6.08 -5.22 17.10
N TRP A 399 5.45 -5.51 15.97
CA TRP A 399 5.36 -6.91 15.57
C TRP A 399 6.71 -7.45 15.10
N CYS A 400 7.57 -6.62 14.54
CA CYS A 400 8.93 -7.07 14.26
C CYS A 400 9.68 -7.40 15.54
N SER A 401 9.50 -6.60 16.60
CA SER A 401 10.14 -6.92 17.87
C SER A 401 9.57 -8.17 18.51
N VAL A 402 8.27 -8.39 18.38
CA VAL A 402 7.63 -9.59 18.93
C VAL A 402 8.12 -10.84 18.21
N VAL A 403 8.23 -10.78 16.89
CA VAL A 403 8.72 -11.91 16.09
C VAL A 403 10.16 -12.23 16.45
N ALA A 404 11.00 -11.20 16.60
CA ALA A 404 12.40 -11.43 16.96
C ALA A 404 12.54 -12.03 18.35
N SER A 405 11.78 -11.53 19.32
CA SER A 405 11.88 -12.05 20.68
C SER A 405 11.33 -13.47 20.80
N VAL A 406 10.24 -13.79 20.10
CA VAL A 406 9.70 -15.14 20.12
C VAL A 406 10.64 -16.11 19.41
N ALA A 407 11.25 -15.68 18.30
CA ALA A 407 12.23 -16.51 17.63
C ALA A 407 13.47 -16.76 18.48
N GLU A 408 13.84 -15.79 19.32
CA GLU A 408 14.96 -16.02 20.23
C GLU A 408 14.55 -16.91 21.40
N ALA A 409 13.30 -16.77 21.87
CA ALA A 409 12.79 -17.60 22.96
C ALA A 409 12.66 -19.05 22.55
N GLY A 410 12.41 -19.30 21.27
CA GLY A 410 12.34 -20.66 20.74
C GLY A 410 13.63 -21.45 20.81
N GLN A 411 14.75 -20.79 21.12
CA GLN A 411 16.03 -21.46 21.33
C GLN A 411 16.31 -21.73 22.81
N LYS A 412 15.42 -21.29 23.71
CA LYS A 412 15.64 -21.25 25.17
C LYS A 412 16.95 -20.54 25.53
N SER A 413 17.18 -19.42 24.86
CA SER A 413 18.39 -18.64 24.93
C SER A 413 18.43 -17.78 26.19
N PRO A 414 19.61 -17.31 26.59
CA PRO A 414 19.67 -16.21 27.56
C PRO A 414 19.37 -14.87 26.89
N SER A 415 19.33 -13.83 27.72
CA SER A 415 19.02 -12.45 27.34
C SER A 415 17.65 -12.33 26.66
N PHE A 416 16.65 -12.91 27.29
CA PHE A 416 15.26 -12.84 26.83
C PHE A 416 14.48 -11.75 27.58
N SER A 417 14.45 -11.84 28.91
CA SER A 417 14.19 -10.76 29.87
C SER A 417 12.78 -10.19 29.91
N TRP A 418 11.86 -10.66 29.06
CA TRP A 418 10.41 -10.36 29.10
C TRP A 418 10.00 -8.89 29.00
N THR A 419 10.93 -7.94 28.95
CA THR A 419 10.55 -6.54 28.93
C THR A 419 10.29 -6.06 27.51
N SER A 420 10.97 -6.66 26.52
CA SER A 420 10.73 -6.29 25.13
C SER A 420 9.36 -6.76 24.67
N LEU A 421 8.96 -7.98 25.06
CA LEU A 421 7.63 -8.47 24.72
C LEU A 421 6.53 -7.65 25.38
N THR A 422 6.71 -7.31 26.65
CA THR A 422 5.73 -6.52 27.37
C THR A 422 5.60 -5.13 26.78
N TYR A 423 6.75 -4.51 26.46
CA TYR A 423 6.76 -3.20 25.84
C TYR A 423 6.08 -3.20 24.48
N SER A 424 6.41 -4.18 23.62
CA SER A 424 5.89 -4.21 22.27
C SER A 424 4.40 -4.54 22.23
N LEU A 425 3.97 -5.57 22.98
CA LEU A 425 2.57 -5.93 23.01
C LEU A 425 1.73 -4.84 23.67
N LEU A 426 2.27 -4.19 24.70
CA LEU A 426 1.54 -3.14 25.36
C LEU A 426 1.46 -1.90 24.47
N LEU A 427 2.46 -1.68 23.62
CA LEU A 427 2.41 -0.60 22.64
C LEU A 427 1.32 -0.81 21.60
N VAL A 428 1.20 -2.05 21.08
CA VAL A 428 0.13 -2.40 20.15
C VAL A 428 -1.24 -2.19 20.80
N LEU A 429 -1.39 -2.72 22.02
CA LEU A 429 -2.67 -2.65 22.72
C LEU A 429 -3.04 -1.21 23.07
N GLU A 430 -2.03 -0.40 23.46
CA GLU A 430 -2.26 0.99 23.82
C GLU A 430 -2.73 1.81 22.63
N LYS A 431 -2.11 1.63 21.46
CA LYS A 431 -2.57 2.37 20.30
C LYS A 431 -3.95 1.91 19.85
N CYS A 432 -4.26 0.62 19.97
CA CYS A 432 -5.61 0.16 19.60
C CYS A 432 -6.68 0.76 20.50
N ILE A 433 -6.47 0.73 21.81
CA ILE A 433 -7.48 1.24 22.74
C ILE A 433 -7.59 2.76 22.64
N GLN A 434 -6.45 3.45 22.45
CA GLN A 434 -6.49 4.91 22.34
C GLN A 434 -7.19 5.36 21.06
N ASN A 435 -6.95 4.67 19.94
CA ASN A 435 -7.65 4.99 18.70
C ASN A 435 -9.15 4.79 18.86
N LEU A 436 -9.54 3.70 19.50
CA LEU A 436 -10.96 3.44 19.72
C LEU A 436 -11.60 4.50 20.61
N PHE A 437 -10.87 4.92 21.65
CA PHE A 437 -11.37 5.95 22.56
C PHE A 437 -11.53 7.30 21.87
N ILE A 438 -10.52 7.71 21.08
CA ILE A 438 -10.58 9.02 20.42
C ILE A 438 -11.68 9.05 19.38
N VAL A 439 -11.80 7.97 18.58
CA VAL A 439 -12.81 7.93 17.52
C VAL A 439 -14.22 7.91 18.11
N GLU A 440 -14.42 7.17 19.21
CA GLU A 440 -15.74 7.21 19.84
C GLU A 440 -16.01 8.55 20.52
N SER A 441 -14.98 9.17 21.11
CA SER A 441 -15.15 10.44 21.80
C SER A 441 -15.53 11.56 20.85
N LEU A 442 -14.93 11.58 19.66
CA LEU A 442 -15.17 12.69 18.75
C LEU A 442 -16.54 12.64 18.07
N TYR A 443 -17.28 11.55 18.17
CA TYR A 443 -18.51 11.39 17.39
C TYR A 443 -19.64 10.84 18.25
N ARG A 444 -19.90 11.49 19.37
CA ARG A 444 -21.07 11.16 20.19
C ARG A 444 -22.19 12.16 19.96
N PRO A 511 -23.75 11.83 35.65
CA PRO A 511 -23.96 13.21 35.20
C PRO A 511 -22.68 14.06 35.21
N GLY A 512 -22.61 15.02 36.15
CA GLY A 512 -21.43 15.86 36.26
C GLY A 512 -20.18 15.10 36.65
N ARG A 513 -20.34 14.04 37.47
CA ARG A 513 -19.20 13.23 37.86
C ARG A 513 -18.59 12.51 36.67
N LYS A 514 -19.41 12.12 35.69
CA LYS A 514 -18.86 11.55 34.47
C LYS A 514 -18.13 12.59 33.64
N ARG A 515 -18.58 13.86 33.67
CA ARG A 515 -17.78 14.93 33.05
C ARG A 515 -16.43 15.09 33.74
N GLN A 516 -16.38 15.03 35.07
CA GLN A 516 -15.10 15.20 35.75
C GLN A 516 -14.17 14.01 35.50
N ILE A 517 -14.73 12.80 35.44
CA ILE A 517 -13.93 11.62 35.12
C ILE A 517 -13.39 11.71 33.69
N LEU A 518 -14.24 12.08 32.74
CA LEU A 518 -13.81 12.16 31.35
C LEU A 518 -12.80 13.28 31.13
N LYS A 519 -12.97 14.42 31.80
CA LYS A 519 -12.01 15.51 31.63
C LYS A 519 -10.67 15.18 32.27
N ASN A 520 -10.68 14.49 33.41
CA ASN A 520 -9.42 14.06 34.01
C ASN A 520 -8.69 13.04 33.14
N ILE A 521 -9.44 12.11 32.54
CA ILE A 521 -8.85 11.14 31.63
C ILE A 521 -8.29 11.82 30.39
N CYS A 522 -9.01 12.81 29.87
CA CYS A 522 -8.56 13.52 28.67
C CYS A 522 -7.29 14.34 28.93
N MET A 523 -7.21 15.01 30.08
CA MET A 523 -5.99 15.74 30.40
C MET A 523 -4.82 14.80 30.66
N PHE A 524 -5.07 13.66 31.31
CA PHE A 524 -4.01 12.69 31.54
C PHE A 524 -3.47 12.13 30.22
N LEU A 525 -4.36 11.75 29.31
CA LEU A 525 -3.91 11.23 28.02
C LEU A 525 -3.27 12.30 27.16
N PHE A 526 -3.74 13.55 27.28
CA PHE A 526 -3.15 14.68 26.57
C PHE A 526 -1.70 14.89 26.96
N MET A 527 -1.44 14.97 28.27
CA MET A 527 -0.06 15.18 28.71
C MET A 527 0.79 13.94 28.51
N CYS A 528 0.21 12.74 28.57
CA CYS A 528 0.97 11.54 28.28
C CYS A 528 1.39 11.45 26.81
N ASN A 529 0.53 11.90 25.90
CA ASN A 529 0.89 11.91 24.49
C ASN A 529 1.92 12.99 24.19
N ILE A 530 1.86 14.12 24.91
CA ILE A 530 2.92 15.14 24.78
C ILE A 530 4.25 14.58 25.23
N SER A 531 4.25 13.88 26.36
CA SER A 531 5.46 13.23 26.88
C SER A 531 6.04 12.21 25.92
N LEU A 532 5.20 11.32 25.39
CA LEU A 532 5.67 10.32 24.45
C LEU A 532 6.00 10.93 23.09
N TRP A 533 5.56 12.16 22.81
CA TRP A 533 6.08 12.86 21.64
C TRP A 533 7.48 13.39 21.89
N ILE A 534 7.68 14.06 23.04
CA ILE A 534 8.94 14.77 23.25
C ILE A 534 10.08 13.79 23.51
N LEU A 535 9.78 12.56 23.92
CA LEU A 535 10.88 11.64 24.22
C LEU A 535 11.67 11.19 22.98
N PRO A 536 11.06 10.73 21.84
CA PRO A 536 11.91 10.44 20.68
C PRO A 536 12.24 11.63 19.79
N ALA A 537 11.44 12.70 19.86
CA ALA A 537 11.68 13.88 19.02
C ALA A 537 12.95 14.61 19.43
N PHE A 538 13.25 14.62 20.72
CA PHE A 538 14.46 15.24 21.23
C PHE A 538 15.66 14.32 21.19
N GLY A 539 15.56 13.18 20.51
CA GLY A 539 16.73 12.41 20.15
C GLY A 539 17.07 11.23 21.02
N CYS A 540 16.10 10.62 21.71
CA CYS A 540 16.43 9.42 22.46
C CYS A 540 16.69 8.25 21.52
N ARG A 541 15.63 7.67 20.95
CA ARG A 541 15.60 6.63 19.93
C ARG A 541 16.62 5.49 20.09
N PRO A 542 16.59 4.70 21.16
CA PRO A 542 17.61 3.65 21.32
C PRO A 542 17.39 2.44 20.43
N GLN A 543 16.21 2.33 19.80
CA GLN A 543 15.81 1.11 19.07
C GLN A 543 16.74 0.77 17.91
N TYR A 544 17.48 1.76 17.40
CA TYR A 544 18.42 1.51 16.32
C TYR A 544 19.58 0.63 16.74
N ASP A 545 19.88 0.55 18.04
CA ASP A 545 21.02 -0.22 18.51
C ASP A 545 20.62 -1.50 19.22
N ASN A 546 19.41 -1.99 19.02
CA ASN A 546 18.99 -3.25 19.62
C ASN A 546 19.69 -4.41 18.95
N PRO A 547 20.41 -5.24 19.70
CA PRO A 547 21.08 -6.39 19.08
C PRO A 547 20.16 -7.53 18.73
N LEU A 548 18.90 -7.50 19.17
CA LEU A 548 18.00 -8.61 18.92
C LEU A 548 17.32 -8.50 17.57
N GLU A 549 16.82 -7.31 17.22
CA GLU A 549 16.14 -7.13 15.93
C GLU A 549 17.14 -6.95 14.80
N ASN A 550 18.29 -6.35 15.08
CA ASN A 550 19.47 -6.60 14.28
C ASN A 550 19.86 -8.06 14.45
N GLU A 551 20.51 -8.64 13.43
CA GLU A 551 20.89 -10.06 13.31
C GLU A 551 19.67 -10.98 13.14
N THR A 552 18.46 -10.45 13.20
CA THR A 552 17.25 -11.17 12.83
C THR A 552 16.69 -10.66 11.51
N PHE A 553 16.60 -9.35 11.35
CA PHE A 553 16.18 -8.73 10.12
C PHE A 553 17.32 -8.16 9.30
N GLY A 554 18.49 -8.00 9.89
CA GLY A 554 19.57 -7.28 9.24
C GLY A 554 19.56 -5.82 9.65
N THR A 555 20.72 -5.17 9.48
CA THR A 555 20.83 -3.78 9.90
C THR A 555 20.07 -2.84 8.97
N SER A 556 20.06 -3.15 7.67
CA SER A 556 19.42 -2.27 6.71
C SER A 556 17.90 -2.34 6.78
N VAL A 557 17.35 -3.54 6.97
CA VAL A 557 15.90 -3.69 7.02
C VAL A 557 15.37 -3.11 8.32
N TRP A 558 16.07 -3.36 9.43
CA TRP A 558 15.63 -2.83 10.72
C TRP A 558 15.74 -1.31 10.75
N THR A 559 16.80 -0.75 10.16
CA THR A 559 16.94 0.70 10.09
C THR A 559 15.85 1.32 9.22
N THR A 560 15.52 0.69 8.10
CA THR A 560 14.44 1.22 7.26
C THR A 560 13.09 1.11 7.94
N VAL A 561 12.84 0.02 8.66
CA VAL A 561 11.59 -0.14 9.41
C VAL A 561 11.48 0.92 10.49
N LEU A 562 12.59 1.25 11.16
CA LEU A 562 12.56 2.30 12.16
C LEU A 562 12.38 3.69 11.53
N ASN A 563 12.96 3.92 10.35
CA ASN A 563 12.77 5.19 9.66
C ASN A 563 11.34 5.37 9.16
N VAL A 564 10.63 4.28 8.92
CA VAL A 564 9.21 4.39 8.63
C VAL A 564 8.41 4.60 9.91
N ALA A 565 8.78 3.88 10.97
CA ALA A 565 7.96 3.83 12.17
C ALA A 565 8.02 5.12 12.99
N ILE A 566 9.21 5.67 13.19
CA ILE A 566 9.37 6.74 14.18
C ILE A 566 8.80 8.08 13.73
N PRO A 567 9.02 8.59 12.49
CA PRO A 567 8.26 9.78 12.07
C PRO A 567 6.75 9.62 12.02
N LEU A 568 6.25 8.44 11.62
CA LEU A 568 4.82 8.19 11.71
C LEU A 568 4.35 8.19 13.15
N ASN A 569 5.18 7.71 14.07
CA ASN A 569 4.84 7.76 15.50
C ASN A 569 4.77 9.20 16.00
N LEU A 570 5.67 10.06 15.51
CA LEU A 570 5.63 11.47 15.89
C LEU A 570 4.38 12.15 15.38
N PHE A 571 4.00 11.89 14.12
CA PHE A 571 2.77 12.44 13.56
C PHE A 571 1.55 11.92 14.30
N TYR A 572 1.58 10.64 14.70
CA TYR A 572 0.50 10.06 15.50
C TYR A 572 0.34 10.79 16.83
N ARG A 573 1.45 11.05 17.51
CA ARG A 573 1.36 11.70 18.82
C ARG A 573 0.87 13.14 18.70
N MET A 574 1.29 13.85 17.65
CA MET A 574 0.80 15.21 17.44
C MET A 574 -0.69 15.23 17.11
N HIS A 575 -1.13 14.33 16.21
CA HIS A 575 -2.54 14.24 15.86
C HIS A 575 -3.39 13.85 17.07
N SER A 576 -2.89 12.94 17.89
CA SER A 576 -3.61 12.53 19.09
C SER A 576 -3.67 13.63 20.13
N VAL A 577 -2.61 14.45 20.24
CA VAL A 577 -2.63 15.60 21.15
C VAL A 577 -3.71 16.60 20.73
N ALA A 578 -3.77 16.93 19.44
CA ALA A 578 -4.80 17.85 18.97
C ALA A 578 -6.20 17.27 19.12
N SER A 579 -6.35 15.97 18.83
CA SER A 579 -7.66 15.34 18.95
C SER A 579 -8.13 15.24 20.40
N LEU A 580 -7.23 14.91 21.32
CA LEU A 580 -7.60 14.84 22.72
C LEU A 580 -7.89 16.22 23.29
N PHE A 581 -7.22 17.26 22.79
CA PHE A 581 -7.57 18.61 23.20
C PHE A 581 -8.96 19.00 22.71
N GLU A 582 -9.31 18.61 21.48
CA GLU A 582 -10.65 18.91 20.97
C GLU A 582 -11.72 18.13 21.73
N VAL A 583 -11.40 16.89 22.12
CA VAL A 583 -12.31 16.10 22.95
C VAL A 583 -12.48 16.73 24.33
N PHE A 584 -11.40 17.27 24.89
CA PHE A 584 -11.40 17.82 26.25
C PHE A 584 -12.38 18.97 26.42
N ARG A 585 -12.45 19.88 25.45
CA ARG A 585 -13.37 21.01 25.56
C ARG A 585 -14.75 20.64 25.02
N LYS A 586 -15.31 19.59 25.62
CA LYS A 586 -16.69 19.18 25.39
C LYS A 586 -17.29 18.73 26.72
N LYS B 47 -26.54 -4.53 21.54
CA LYS B 47 -25.60 -4.91 22.58
C LYS B 47 -24.28 -4.16 22.42
N TYR B 48 -23.81 -4.05 21.19
CA TYR B 48 -22.51 -3.46 20.92
C TYR B 48 -22.62 -2.60 19.67
N PRO B 49 -22.05 -1.39 19.69
CA PRO B 49 -22.21 -0.48 18.56
C PRO B 49 -21.45 -0.95 17.32
N GLN B 50 -21.92 -0.49 16.15
CA GLN B 50 -21.39 -0.99 14.90
C GLN B 50 -20.10 -0.28 14.47
N LYS B 51 -19.98 1.02 14.73
CA LYS B 51 -18.77 1.74 14.36
C LYS B 51 -17.56 1.27 15.16
N ASN B 52 -17.77 0.89 16.42
CA ASN B 52 -16.69 0.33 17.20
C ASN B 52 -16.37 -1.08 16.74
N ALA B 53 -17.38 -1.83 16.30
CA ALA B 53 -17.14 -3.16 15.74
C ALA B 53 -16.30 -3.08 14.47
N GLU B 54 -16.63 -2.15 13.57
CA GLU B 54 -15.87 -2.06 12.33
C GLU B 54 -14.48 -1.50 12.56
N LEU B 55 -14.32 -0.60 13.54
CA LEU B 55 -12.98 -0.09 13.85
C LEU B 55 -12.11 -1.16 14.52
N LEU B 56 -12.68 -1.94 15.43
CA LEU B 56 -11.92 -3.04 16.04
C LEU B 56 -11.55 -4.10 15.02
N SER B 57 -12.47 -4.40 14.08
CA SER B 57 -12.16 -5.38 13.06
C SER B 57 -11.10 -4.87 12.10
N ALA B 58 -11.13 -3.58 11.79
CA ALA B 58 -10.08 -2.98 10.95
C ALA B 58 -8.72 -3.04 11.62
N GLN B 59 -8.66 -2.75 12.92
CA GLN B 59 -7.39 -2.79 13.64
C GLN B 59 -6.88 -4.23 13.78
N TYR B 60 -7.79 -5.18 14.02
CA TYR B 60 -7.41 -6.58 14.12
C TYR B 60 -6.84 -7.11 12.80
N GLY B 61 -7.54 -6.85 11.70
CA GLY B 61 -7.06 -7.31 10.41
C GLY B 61 -5.77 -6.64 9.97
N THR B 62 -5.63 -5.34 10.28
CA THR B 62 -4.40 -4.62 9.98
C THR B 62 -3.23 -5.18 10.77
N ASN B 63 -3.42 -5.49 12.05
CA ASN B 63 -2.37 -6.12 12.83
C ASN B 63 -2.06 -7.53 12.36
N LEU B 64 -3.06 -8.24 11.84
CA LEU B 64 -2.83 -9.58 11.29
C LEU B 64 -1.94 -9.50 10.06
N LEU B 65 -2.22 -8.55 9.17
CA LEU B 65 -1.39 -8.31 8.01
C LEU B 65 0.03 -7.92 8.39
N LEU B 66 0.18 -7.01 9.36
CA LEU B 66 1.51 -6.54 9.74
C LEU B 66 2.30 -7.63 10.46
N LEU B 67 1.63 -8.53 11.18
CA LEU B 67 2.32 -9.68 11.75
C LEU B 67 2.83 -10.61 10.66
N GLY B 68 2.01 -10.85 9.63
CA GLY B 68 2.48 -11.64 8.50
C GLY B 68 3.64 -11.01 7.75
N VAL B 69 3.59 -9.68 7.59
CA VAL B 69 4.68 -8.94 6.94
C VAL B 69 5.96 -9.02 7.77
N SER B 70 5.81 -8.97 9.10
CA SER B 70 6.97 -9.11 10.00
C SER B 70 7.60 -10.49 9.88
N VAL B 71 6.78 -11.53 9.77
CA VAL B 71 7.31 -12.89 9.58
C VAL B 71 8.03 -13.00 8.24
N MET B 72 7.46 -12.40 7.19
CA MET B 72 8.12 -12.43 5.87
C MET B 72 9.43 -11.66 5.87
N LEU B 73 9.50 -10.54 6.58
CA LEU B 73 10.74 -9.78 6.67
C LEU B 73 11.80 -10.54 7.45
N ALA B 74 11.40 -11.27 8.50
CA ALA B 74 12.36 -12.12 9.21
C ALA B 74 12.79 -13.29 8.35
N LEU B 75 11.92 -13.76 7.46
CA LEU B 75 12.24 -14.89 6.59
C LEU B 75 13.22 -14.49 5.50
N ALA B 76 13.02 -13.31 4.90
CA ALA B 76 13.84 -12.88 3.77
C ALA B 76 15.29 -12.65 4.16
N ALA B 77 15.53 -12.14 5.36
CA ALA B 77 16.88 -12.08 5.91
C ALA B 77 17.25 -13.47 6.41
N GLN B 78 17.85 -14.24 5.51
CA GLN B 78 18.05 -15.67 5.75
C GLN B 78 19.02 -15.97 6.88
N SER B 79 19.87 -15.00 7.24
CA SER B 79 20.73 -15.12 8.41
C SER B 79 19.91 -14.89 9.69
N GLY B 80 19.10 -15.90 10.03
CA GLY B 80 18.24 -15.83 11.18
C GLY B 80 17.55 -17.14 11.46
N PRO B 81 16.87 -17.24 12.60
CA PRO B 81 16.26 -18.52 13.00
C PRO B 81 14.92 -18.82 12.32
N VAL B 82 14.28 -17.84 11.69
CA VAL B 82 12.94 -18.01 11.15
C VAL B 82 13.04 -18.68 9.78
N LYS B 83 12.35 -19.80 9.61
CA LYS B 83 12.38 -20.59 8.38
C LYS B 83 10.99 -20.60 7.75
N GLU B 84 10.93 -21.14 6.52
CA GLU B 84 9.71 -21.06 5.72
C GLU B 84 8.56 -21.88 6.32
N GLU B 85 8.88 -22.95 7.05
CA GLU B 85 7.83 -23.74 7.68
C GLU B 85 7.14 -22.98 8.79
N HIS B 86 7.79 -21.97 9.36
CA HIS B 86 7.13 -21.14 10.35
C HIS B 86 6.09 -20.23 9.72
N LEU B 87 6.40 -19.68 8.54
CA LEU B 87 5.41 -18.90 7.80
C LEU B 87 4.26 -19.77 7.33
N LEU B 88 4.57 -21.00 6.90
CA LEU B 88 3.51 -21.92 6.49
C LEU B 88 2.63 -22.34 7.67
N SER B 89 3.23 -22.50 8.85
CA SER B 89 2.46 -22.83 10.05
C SER B 89 1.56 -21.66 10.45
N PHE B 90 2.06 -20.43 10.33
CA PHE B 90 1.26 -19.24 10.64
C PHE B 90 0.06 -19.13 9.70
N ILE B 91 0.29 -19.31 8.39
CA ILE B 91 -0.80 -19.22 7.43
C ILE B 91 -1.77 -20.39 7.60
N THR B 92 -1.26 -21.58 7.96
CA THR B 92 -2.11 -22.73 8.23
C THR B 92 -3.02 -22.49 9.43
N VAL B 93 -2.50 -21.85 10.48
CA VAL B 93 -3.33 -21.50 11.63
C VAL B 93 -4.41 -20.49 11.23
N LEU B 94 -4.07 -19.52 10.37
CA LEU B 94 -5.07 -18.57 9.89
C LEU B 94 -6.18 -19.24 9.08
N MET B 95 -5.80 -20.19 8.23
CA MET B 95 -6.79 -20.93 7.45
C MET B 95 -7.67 -21.79 8.34
N LEU B 96 -7.10 -22.38 9.40
CA LEU B 96 -7.91 -23.16 10.34
C LEU B 96 -8.89 -22.29 11.11
N VAL B 97 -8.48 -21.08 11.50
CA VAL B 97 -9.38 -20.17 12.18
C VAL B 97 -10.52 -19.74 11.26
N GLN B 98 -10.22 -19.50 9.98
CA GLN B 98 -11.28 -19.16 9.04
C GLN B 98 -12.22 -20.35 8.80
N LEU B 99 -11.67 -21.56 8.77
CA LEU B 99 -12.51 -22.76 8.63
C LEU B 99 -13.46 -22.93 9.81
N VAL B 100 -12.96 -22.69 11.03
CA VAL B 100 -13.80 -22.79 12.22
C VAL B 100 -14.89 -21.73 12.19
N TRP B 101 -14.55 -20.51 11.77
CA TRP B 101 -15.57 -19.45 11.67
C TRP B 101 -16.63 -19.77 10.64
N MET B 102 -16.23 -20.29 9.48
CA MET B 102 -17.20 -20.62 8.43
C MET B 102 -18.10 -21.77 8.85
N LEU B 103 -17.54 -22.74 9.60
CA LEU B 103 -18.33 -23.82 10.16
C LEU B 103 -19.39 -23.30 11.14
N CYS B 104 -18.99 -22.43 12.07
CA CYS B 104 -19.96 -21.87 13.02
C CYS B 104 -21.02 -21.02 12.32
N TYR B 105 -20.62 -20.28 11.28
CA TYR B 105 -21.57 -19.46 10.55
C TYR B 105 -22.59 -20.31 9.82
N MET B 106 -22.16 -21.39 9.16
CA MET B 106 -23.13 -22.20 8.43
C MET B 106 -24.03 -22.97 9.37
N ILE B 107 -23.52 -23.43 10.52
CA ILE B 107 -24.41 -24.12 11.44
C ILE B 107 -25.33 -23.14 12.17
N ARG B 108 -24.97 -21.86 12.23
CA ARG B 108 -25.94 -20.89 12.74
C ARG B 108 -27.00 -20.57 11.70
N ARG B 109 -26.62 -20.47 10.41
CA ARG B 109 -27.61 -20.15 9.39
C ARG B 109 -28.56 -21.32 9.14
N GLU B 110 -28.08 -22.57 9.26
CA GLU B 110 -28.97 -23.72 9.04
C GLU B 110 -30.00 -23.93 10.15
N ARG B 111 -30.05 -23.06 11.15
CA ARG B 111 -31.19 -22.94 12.05
C ARG B 111 -32.27 -22.01 11.49
N GLU B 112 -32.03 -21.41 10.32
CA GLU B 112 -32.97 -20.50 9.68
C GLU B 112 -33.18 -20.95 8.24
N ARG B 113 -34.37 -20.67 7.69
CA ARG B 113 -34.69 -20.98 6.31
C ARG B 113 -35.33 -19.75 5.66
N SER B 114 -35.29 -19.72 4.33
CA SER B 114 -35.91 -18.66 3.54
C SER B 114 -37.43 -18.68 3.66
N GLY B 124 -25.27 -9.98 -13.24
CA GLY B 124 -23.85 -10.19 -13.40
C GLY B 124 -23.23 -11.04 -12.31
N ALA B 125 -24.09 -11.71 -11.53
CA ALA B 125 -23.59 -12.61 -10.49
C ALA B 125 -22.98 -13.86 -11.11
N SER B 126 -23.50 -14.30 -12.26
CA SER B 126 -23.02 -15.51 -12.89
C SER B 126 -21.60 -15.37 -13.43
N TRP B 127 -21.20 -14.16 -13.82
CA TRP B 127 -19.84 -13.92 -14.27
C TRP B 127 -18.87 -14.09 -13.11
N ILE B 128 -19.25 -13.57 -11.94
CA ILE B 128 -18.40 -13.65 -10.76
C ILE B 128 -18.31 -15.08 -10.26
N ARG B 129 -19.44 -15.80 -10.25
CA ARG B 129 -19.44 -17.20 -9.83
C ARG B 129 -18.65 -18.09 -10.78
N GLY B 130 -18.75 -17.83 -12.10
CA GLY B 130 -17.98 -18.60 -13.06
C GLY B 130 -16.49 -18.38 -12.93
N GLY B 131 -16.08 -17.12 -12.77
CA GLY B 131 -14.67 -16.82 -12.55
C GLY B 131 -14.13 -17.45 -11.28
N LEU B 132 -14.88 -17.33 -10.18
CA LEU B 132 -14.48 -17.93 -8.92
C LEU B 132 -14.36 -19.44 -9.01
N THR B 133 -15.34 -20.09 -9.66
CA THR B 133 -15.33 -21.55 -9.74
C THR B 133 -14.22 -22.06 -10.66
N MET B 134 -13.96 -21.37 -11.78
CA MET B 134 -12.87 -21.78 -12.67
C MET B 134 -11.50 -21.65 -11.97
N LEU B 135 -11.26 -20.51 -11.32
CA LEU B 135 -9.99 -20.32 -10.64
C LEU B 135 -9.85 -21.24 -9.44
N ALA B 136 -10.98 -21.57 -8.79
CA ALA B 136 -10.96 -22.50 -7.68
C ALA B 136 -10.65 -23.92 -8.14
N LEU B 137 -11.19 -24.32 -9.29
CA LEU B 137 -10.88 -25.64 -9.82
C LEU B 137 -9.41 -25.76 -10.20
N LEU B 138 -8.85 -24.70 -10.79
CA LEU B 138 -7.42 -24.76 -11.13
C LEU B 138 -6.55 -24.77 -9.88
N SER B 139 -6.95 -24.03 -8.84
CA SER B 139 -6.24 -24.05 -7.58
C SER B 139 -6.30 -25.43 -6.91
N LEU B 140 -7.48 -26.06 -6.95
CA LEU B 140 -7.63 -27.40 -6.39
C LEU B 140 -6.85 -28.44 -7.17
N ILE B 141 -6.73 -28.26 -8.49
CA ILE B 141 -5.91 -29.17 -9.28
C ILE B 141 -4.44 -29.04 -8.88
N MET B 142 -3.98 -27.80 -8.67
CA MET B 142 -2.60 -27.60 -8.23
C MET B 142 -2.35 -28.19 -6.84
N ASP B 143 -3.33 -28.05 -5.94
CA ASP B 143 -3.20 -28.65 -4.61
C ASP B 143 -3.22 -30.17 -4.67
N ALA B 144 -4.00 -30.75 -5.59
CA ALA B 144 -3.99 -32.19 -5.78
C ALA B 144 -2.64 -32.67 -6.29
N PHE B 145 -2.00 -31.89 -7.16
CA PHE B 145 -0.64 -32.21 -7.61
C PHE B 145 0.36 -32.14 -6.47
N ARG B 146 0.21 -31.16 -5.58
CA ARG B 146 1.11 -31.05 -4.44
C ARG B 146 0.95 -32.22 -3.46
N ILE B 147 -0.29 -32.64 -3.21
CA ILE B 147 -0.54 -33.78 -2.33
C ILE B 147 -0.03 -35.06 -2.96
N GLY B 148 -0.23 -35.22 -4.27
CA GLY B 148 0.28 -36.38 -4.99
C GLY B 148 1.80 -36.46 -4.97
N TYR B 149 2.48 -35.31 -5.08
CA TYR B 149 3.92 -35.30 -4.90
C TYR B 149 4.31 -35.66 -3.47
N PHE B 150 3.58 -35.14 -2.48
CA PHE B 150 3.90 -35.44 -1.08
C PHE B 150 3.66 -36.90 -0.72
N VAL B 151 2.84 -37.62 -1.47
CA VAL B 151 2.68 -39.05 -1.21
C VAL B 151 3.48 -39.90 -2.20
N GLY B 152 4.29 -39.28 -3.04
CA GLY B 152 5.05 -40.00 -4.05
C GLY B 152 6.52 -39.64 -4.16
N TYR B 153 7.21 -39.40 -3.05
CA TYR B 153 8.53 -38.78 -3.12
C TYR B 153 9.43 -39.33 -2.01
N HIS B 154 10.68 -38.88 -2.01
CA HIS B 154 11.61 -39.19 -0.93
C HIS B 154 11.36 -38.26 0.25
N SER B 155 10.86 -38.82 1.35
CA SER B 155 10.30 -38.02 2.43
C SER B 155 11.36 -37.27 3.23
N CYS B 156 11.92 -36.22 2.65
CA CYS B 156 13.02 -35.49 3.26
C CYS B 156 12.70 -34.01 3.49
N ILE B 157 11.44 -33.61 3.36
CA ILE B 157 11.02 -32.24 3.66
C ILE B 157 10.07 -32.29 4.85
N SER B 158 9.86 -31.13 5.46
CA SER B 158 9.20 -31.06 6.74
C SER B 158 7.70 -31.36 6.61
N ALA B 159 7.08 -31.65 7.76
CA ALA B 159 5.67 -32.00 7.79
C ALA B 159 4.78 -30.82 7.44
N ALA B 160 5.26 -29.58 7.65
CA ALA B 160 4.48 -28.39 7.34
C ALA B 160 4.20 -28.26 5.84
N LEU B 161 5.03 -28.86 4.99
CA LEU B 161 4.75 -28.91 3.56
C LEU B 161 3.79 -30.01 3.17
N GLY B 162 3.31 -30.81 4.12
CA GLY B 162 2.27 -31.77 3.84
C GLY B 162 0.93 -31.32 4.37
N VAL B 163 0.93 -30.63 5.51
CA VAL B 163 -0.32 -30.18 6.11
C VAL B 163 -0.86 -28.97 5.36
N TYR B 164 0.05 -28.09 4.90
CA TYR B 164 -0.37 -26.90 4.16
C TYR B 164 -1.16 -27.16 2.89
N PRO B 165 -0.75 -28.03 1.95
CA PRO B 165 -1.60 -28.22 0.76
C PRO B 165 -2.89 -28.95 1.02
N ILE B 166 -3.02 -29.65 2.15
CA ILE B 166 -4.29 -30.29 2.47
C ILE B 166 -5.29 -29.27 3.01
N VAL B 167 -4.87 -28.51 4.03
CA VAL B 167 -5.73 -27.53 4.69
C VAL B 167 -6.18 -26.47 3.71
N HIS B 168 -5.24 -25.99 2.88
CA HIS B 168 -5.54 -25.04 1.80
C HIS B 168 -6.63 -25.57 0.90
N ALA B 169 -6.54 -26.85 0.54
CA ALA B 169 -7.58 -27.48 -0.30
C ALA B 169 -8.93 -27.42 0.38
N LEU B 170 -8.97 -27.80 1.67
CA LEU B 170 -10.22 -27.70 2.44
C LEU B 170 -10.67 -26.26 2.52
N HIS B 171 -9.71 -25.36 2.76
CA HIS B 171 -9.99 -23.93 2.84
C HIS B 171 -10.64 -23.47 1.56
N THR B 172 -10.06 -23.88 0.41
CA THR B 172 -10.56 -23.47 -0.89
C THR B 172 -11.98 -23.93 -1.09
N ILE B 173 -12.25 -25.20 -0.76
CA ILE B 173 -13.57 -25.78 -0.97
C ILE B 173 -14.59 -25.05 -0.14
N SER B 174 -14.26 -24.85 1.15
CA SER B 174 -15.21 -24.24 2.06
C SER B 174 -15.45 -22.80 1.68
N GLN B 175 -14.38 -22.13 1.25
CA GLN B 175 -14.48 -20.71 0.90
C GLN B 175 -15.39 -20.54 -0.30
N VAL B 176 -15.25 -21.45 -1.27
CA VAL B 176 -16.07 -21.37 -2.48
C VAL B 176 -17.53 -21.59 -2.12
N HIS B 177 -17.78 -22.59 -1.26
CA HIS B 177 -19.12 -22.89 -0.80
C HIS B 177 -19.74 -21.69 -0.12
N PHE B 178 -18.94 -21.04 0.74
CA PHE B 178 -19.40 -19.84 1.44
C PHE B 178 -19.70 -18.74 0.43
N LEU B 179 -18.74 -18.49 -0.46
CA LEU B 179 -18.90 -17.43 -1.45
C LEU B 179 -19.93 -17.81 -2.50
N TRP B 180 -20.27 -19.09 -2.61
CA TRP B 180 -21.38 -19.45 -3.47
C TRP B 180 -22.70 -19.13 -2.81
N PHE B 181 -22.89 -19.57 -1.56
CA PHE B 181 -24.24 -19.72 -1.06
C PHE B 181 -24.65 -18.68 -0.04
N HIS B 182 -23.77 -18.31 0.87
CA HIS B 182 -24.15 -17.53 2.03
C HIS B 182 -23.89 -16.05 1.86
N ILE B 183 -23.55 -15.60 0.64
CA ILE B 183 -23.17 -14.22 0.38
C ILE B 183 -24.02 -13.57 -0.71
N LYS B 184 -24.45 -14.33 -1.70
CA LYS B 184 -24.99 -13.74 -2.93
C LYS B 184 -26.44 -13.34 -2.66
N ASP B 185 -26.59 -12.09 -2.20
CA ASP B 185 -27.83 -11.39 -1.84
C ASP B 185 -28.50 -12.02 -0.61
N VAL B 186 -27.81 -12.88 0.13
CA VAL B 186 -28.33 -13.46 1.37
C VAL B 186 -27.34 -13.08 2.46
N ILE B 187 -27.55 -11.91 3.06
CA ILE B 187 -26.71 -11.40 4.14
C ILE B 187 -27.49 -11.34 5.44
N LYS B 188 -28.62 -10.61 5.44
CA LYS B 188 -29.70 -10.60 6.43
C LYS B 188 -29.33 -10.05 7.80
N LYS B 189 -28.05 -9.71 8.03
CA LYS B 189 -27.54 -9.29 9.32
C LYS B 189 -26.08 -8.89 9.14
N TYR B 190 -25.64 -7.87 9.86
CA TYR B 190 -24.23 -7.54 9.94
C TYR B 190 -23.93 -7.17 11.38
N GLU B 191 -23.10 -7.98 12.04
CA GLU B 191 -22.74 -7.79 13.43
C GLU B 191 -21.23 -7.97 13.58
N THR B 192 -20.80 -8.10 14.83
CA THR B 192 -19.37 -8.26 15.13
C THR B 192 -18.83 -9.57 14.58
N PHE B 193 -19.66 -10.62 14.56
CA PHE B 193 -19.25 -11.94 14.13
C PHE B 193 -18.92 -11.96 12.64
N GLU B 194 -19.82 -11.42 11.82
CA GLU B 194 -19.60 -11.38 10.38
C GLU B 194 -18.48 -10.41 10.00
N ARG B 195 -18.35 -9.29 10.72
CA ARG B 195 -17.26 -8.36 10.42
C ARG B 195 -15.90 -8.96 10.72
N PHE B 196 -15.78 -9.66 11.85
CA PHE B 196 -14.56 -10.41 12.16
C PHE B 196 -14.26 -11.45 11.10
N GLY B 197 -15.28 -12.21 10.69
CA GLY B 197 -15.06 -13.25 9.70
C GLY B 197 -14.64 -12.72 8.34
N VAL B 198 -15.30 -11.66 7.88
CA VAL B 198 -14.98 -11.08 6.58
C VAL B 198 -13.58 -10.46 6.59
N ILE B 199 -13.22 -9.75 7.66
CA ILE B 199 -11.89 -9.14 7.73
C ILE B 199 -10.79 -10.20 7.84
N HIS B 200 -11.05 -11.25 8.63
CA HIS B 200 -10.11 -12.35 8.72
C HIS B 200 -9.92 -13.04 7.39
N ALA B 201 -11.01 -13.21 6.64
CA ALA B 201 -10.93 -13.84 5.32
C ALA B 201 -10.17 -12.97 4.33
N VAL B 202 -10.36 -11.64 4.40
CA VAL B 202 -9.64 -10.70 3.54
C VAL B 202 -8.14 -10.81 3.77
N PHE B 203 -7.72 -10.70 5.02
CA PHE B 203 -6.28 -10.64 5.25
C PHE B 203 -5.63 -12.01 5.21
N THR B 204 -6.40 -13.08 5.43
CA THR B 204 -5.91 -14.43 5.15
C THR B 204 -5.63 -14.61 3.66
N ASN B 205 -6.53 -14.13 2.81
CA ASN B 205 -6.32 -14.26 1.38
C ASN B 205 -5.20 -13.35 0.89
N LEU B 206 -5.03 -12.17 1.51
CA LEU B 206 -3.90 -11.32 1.15
C LEU B 206 -2.58 -11.93 1.54
N LEU B 207 -2.51 -12.57 2.71
CA LEU B 207 -1.26 -13.24 3.09
C LEU B 207 -1.00 -14.46 2.23
N LEU B 208 -2.04 -15.16 1.80
CA LEU B 208 -1.86 -16.26 0.85
C LEU B 208 -1.38 -15.77 -0.50
N TRP B 209 -1.87 -14.60 -0.93
CA TRP B 209 -1.40 -13.99 -2.16
C TRP B 209 0.07 -13.62 -2.09
N CYS B 210 0.49 -12.99 -0.99
CA CYS B 210 1.89 -12.61 -0.82
C CYS B 210 2.80 -13.80 -0.73
N ASN B 211 2.37 -14.85 -0.02
CA ASN B 211 3.15 -16.08 0.07
C ASN B 211 3.29 -16.75 -1.27
N GLY B 212 2.22 -16.77 -2.07
CA GLY B 212 2.31 -17.35 -3.40
C GLY B 212 3.17 -16.53 -4.35
N VAL B 213 3.11 -15.20 -4.24
CA VAL B 213 3.89 -14.33 -5.12
C VAL B 213 5.36 -14.43 -4.83
N MET B 214 5.74 -14.35 -3.55
CA MET B 214 7.16 -14.25 -3.23
C MET B 214 7.78 -15.57 -2.81
N SER B 215 7.23 -16.23 -1.80
CA SER B 215 7.90 -17.38 -1.20
C SER B 215 7.61 -18.69 -1.92
N GLU B 216 7.00 -18.67 -3.10
CA GLU B 216 6.84 -19.91 -3.86
C GLU B 216 7.64 -19.94 -5.16
N THR B 217 7.62 -18.87 -5.95
CA THR B 217 8.40 -18.86 -7.18
C THR B 217 9.81 -18.31 -7.01
N GLU B 218 10.19 -17.87 -5.82
CA GLU B 218 11.62 -17.76 -5.58
C GLU B 218 12.22 -19.09 -5.13
N HIS B 219 11.38 -20.12 -5.02
CA HIS B 219 11.80 -21.50 -4.88
C HIS B 219 11.57 -22.32 -6.14
N PHE B 220 10.62 -21.90 -6.99
CA PHE B 220 10.33 -22.56 -8.25
C PHE B 220 11.09 -21.95 -9.41
N MET B 221 10.93 -20.65 -9.65
CA MET B 221 11.61 -19.95 -10.73
C MET B 221 13.02 -19.53 -10.33
N HIS B 222 13.37 -19.74 -9.05
CA HIS B 222 14.67 -19.43 -8.45
C HIS B 222 15.02 -17.95 -8.58
N THR B 249 12.41 -40.19 -14.63
CA THR B 249 12.00 -39.03 -13.87
C THR B 249 10.94 -38.22 -14.61
N SER B 250 10.02 -38.92 -15.29
CA SER B 250 8.96 -38.24 -16.02
C SER B 250 7.95 -37.60 -15.08
N VAL B 251 7.76 -38.16 -13.88
CA VAL B 251 6.78 -37.64 -12.93
C VAL B 251 7.20 -36.27 -12.43
N CYS B 252 8.50 -36.06 -12.21
CA CYS B 252 9.00 -34.75 -11.80
C CYS B 252 8.83 -33.73 -12.90
N SER B 253 9.02 -34.14 -14.16
CA SER B 253 8.84 -33.24 -15.28
C SER B 253 7.38 -32.83 -15.43
N MET B 254 6.45 -33.79 -15.30
CA MET B 254 5.04 -33.46 -15.39
C MET B 254 4.59 -32.60 -14.22
N PHE B 255 5.14 -32.86 -13.02
CA PHE B 255 4.83 -32.06 -11.84
C PHE B 255 5.29 -30.61 -12.02
N SER B 256 6.54 -30.41 -12.44
CA SER B 256 7.06 -29.05 -12.62
C SER B 256 6.37 -28.31 -13.76
N THR B 257 6.06 -29.01 -14.86
CA THR B 257 5.36 -28.38 -15.98
C THR B 257 3.94 -27.98 -15.59
N SER B 258 3.24 -28.86 -14.86
CA SER B 258 1.90 -28.56 -14.38
C SER B 258 1.89 -27.39 -13.42
N LEU B 259 2.90 -27.30 -12.54
CA LEU B 259 2.98 -26.15 -11.64
C LEU B 259 3.24 -24.87 -12.41
N TYR B 260 4.10 -24.93 -13.42
CA TYR B 260 4.39 -23.77 -14.28
C TYR B 260 3.13 -23.26 -14.97
N TYR B 261 2.29 -24.17 -15.45
CA TYR B 261 1.09 -23.70 -16.13
C TYR B 261 -0.01 -23.27 -15.15
N LEU B 262 -0.08 -23.87 -13.97
CA LEU B 262 -1.22 -23.61 -13.08
C LEU B 262 -1.00 -22.48 -12.09
N TYR B 263 0.24 -22.08 -11.85
CA TYR B 263 0.57 -21.08 -10.83
C TYR B 263 -0.18 -19.73 -10.91
N PRO B 264 -0.25 -19.02 -12.05
CA PRO B 264 -0.93 -17.71 -12.03
C PRO B 264 -2.42 -17.79 -11.78
N PHE B 265 -3.04 -18.94 -12.02
CA PHE B 265 -4.44 -19.08 -11.71
C PHE B 265 -4.68 -19.20 -10.20
N ASN B 266 -3.74 -19.81 -9.48
CA ASN B 266 -3.82 -19.80 -8.01
C ASN B 266 -3.64 -18.40 -7.46
N ILE B 267 -2.68 -17.64 -8.00
CA ILE B 267 -2.46 -16.28 -7.53
C ILE B 267 -3.67 -15.39 -7.85
N GLU B 268 -4.20 -15.53 -9.05
CA GLU B 268 -5.38 -14.77 -9.44
C GLU B 268 -6.61 -15.19 -8.65
N TYR B 269 -6.68 -16.46 -8.24
CA TYR B 269 -7.76 -16.92 -7.37
C TYR B 269 -7.76 -16.18 -6.04
N HIS B 270 -6.59 -16.03 -5.43
CA HIS B 270 -6.56 -15.28 -4.17
C HIS B 270 -6.81 -13.79 -4.38
N ILE B 271 -6.38 -13.25 -5.52
CA ILE B 271 -6.72 -11.86 -5.89
C ILE B 271 -8.22 -11.69 -6.01
N PHE B 272 -8.87 -12.62 -6.71
CA PHE B 272 -10.30 -12.59 -6.96
C PHE B 272 -11.11 -12.67 -5.68
N VAL B 273 -10.72 -13.60 -4.78
CA VAL B 273 -11.43 -13.77 -3.53
C VAL B 273 -11.27 -12.54 -2.64
N SER B 274 -10.06 -11.98 -2.57
CA SER B 274 -9.86 -10.78 -1.79
C SER B 274 -10.62 -9.58 -2.37
N ALA B 275 -10.76 -9.52 -3.70
CA ALA B 275 -11.54 -8.45 -4.31
C ALA B 275 -13.02 -8.57 -4.01
N MET B 276 -13.58 -9.79 -4.07
CA MET B 276 -14.99 -9.99 -3.73
C MET B 276 -15.26 -9.67 -2.26
N LEU B 277 -14.35 -10.10 -1.38
CA LEU B 277 -14.54 -9.84 0.04
C LEU B 277 -14.36 -8.36 0.36
N PHE B 278 -13.51 -7.66 -0.39
CA PHE B 278 -13.43 -6.20 -0.29
C PHE B 278 -14.74 -5.55 -0.70
N VAL B 279 -15.36 -6.02 -1.78
CA VAL B 279 -16.62 -5.48 -2.24
C VAL B 279 -17.71 -5.66 -1.19
N MET B 280 -17.83 -6.86 -0.64
CA MET B 280 -18.87 -7.09 0.36
C MET B 280 -18.54 -6.44 1.69
N TRP B 281 -17.27 -6.21 1.99
CA TRP B 281 -16.90 -5.46 3.19
C TRP B 281 -17.27 -3.99 3.04
N LYS B 282 -17.00 -3.43 1.87
CA LYS B 282 -17.21 -2.00 1.67
C LYS B 282 -18.69 -1.66 1.56
N ASN B 283 -19.46 -2.49 0.83
CA ASN B 283 -20.88 -2.20 0.69
C ASN B 283 -21.63 -2.43 2.00
N ILE B 284 -21.40 -3.56 2.64
CA ILE B 284 -22.06 -3.87 3.91
C ILE B 284 -21.03 -3.89 5.03
N GLY B 303 -26.67 -4.94 -37.81
CA GLY B 303 -25.69 -4.04 -38.39
C GLY B 303 -24.32 -4.14 -37.75
N LEU B 304 -24.15 -5.11 -36.85
CA LEU B 304 -22.89 -5.29 -36.12
C LEU B 304 -21.99 -6.19 -36.97
N LEU B 305 -21.32 -5.56 -37.94
CA LEU B 305 -20.47 -6.33 -38.83
C LEU B 305 -18.99 -6.19 -38.49
N LEU B 306 -18.43 -4.99 -38.64
CA LEU B 306 -16.97 -4.81 -38.62
C LEU B 306 -16.36 -5.02 -37.25
N GLY B 307 -17.12 -4.74 -36.19
CA GLY B 307 -16.68 -4.97 -34.83
C GLY B 307 -16.38 -6.43 -34.51
N PRO B 308 -17.39 -7.30 -34.60
CA PRO B 308 -17.15 -8.74 -34.46
C PRO B 308 -16.15 -9.33 -35.44
N LEU B 309 -16.06 -8.82 -36.67
CA LEU B 309 -15.07 -9.33 -37.61
C LEU B 309 -13.65 -8.97 -37.20
N GLY B 310 -13.42 -7.72 -36.79
CA GLY B 310 -12.11 -7.34 -36.26
C GLY B 310 -11.77 -8.07 -34.99
N GLY B 311 -12.78 -8.35 -34.17
CA GLY B 311 -12.57 -9.16 -32.98
C GLY B 311 -12.18 -10.59 -33.31
N LEU B 312 -12.80 -11.17 -34.34
CA LEU B 312 -12.44 -12.53 -34.75
C LEU B 312 -11.05 -12.58 -35.35
N VAL B 313 -10.64 -11.53 -36.07
CA VAL B 313 -9.26 -11.45 -36.54
C VAL B 313 -8.29 -11.36 -35.37
N ALA B 314 -8.65 -10.59 -34.35
CA ALA B 314 -7.83 -10.50 -33.13
C ALA B 314 -7.70 -11.85 -32.43
N LEU B 315 -8.82 -12.58 -32.32
CA LEU B 315 -8.80 -13.89 -31.68
C LEU B 315 -8.00 -14.92 -32.46
N ALA B 316 -8.21 -14.99 -33.78
CA ALA B 316 -7.49 -15.94 -34.62
C ALA B 316 -6.00 -15.66 -34.62
N SER B 317 -5.63 -14.38 -34.65
CA SER B 317 -4.21 -14.00 -34.60
C SER B 317 -3.59 -14.35 -33.24
N SER B 318 -4.34 -14.18 -32.15
CA SER B 318 -3.82 -14.56 -30.83
C SER B 318 -3.60 -16.05 -30.71
N VAL B 319 -4.56 -16.85 -31.20
CA VAL B 319 -4.39 -18.30 -31.16
C VAL B 319 -3.22 -18.73 -32.04
N SER B 320 -3.01 -18.05 -33.18
CA SER B 320 -1.87 -18.36 -34.02
C SER B 320 -0.53 -18.07 -33.35
N VAL B 321 -0.43 -16.89 -32.70
CA VAL B 321 0.79 -16.52 -31.98
C VAL B 321 1.04 -17.47 -30.80
N LEU B 322 -0.03 -17.84 -30.09
CA LEU B 322 0.07 -18.77 -28.98
C LEU B 322 0.55 -20.14 -29.43
N VAL B 323 0.01 -20.64 -30.54
CA VAL B 323 0.39 -21.96 -31.04
C VAL B 323 1.84 -21.98 -31.51
N VAL B 324 2.27 -20.96 -32.25
CA VAL B 324 3.66 -20.96 -32.73
C VAL B 324 4.65 -20.78 -31.57
N TYR B 325 4.25 -20.01 -30.54
CA TYR B 325 5.12 -19.85 -29.37
C TYR B 325 5.22 -21.15 -28.58
N LEU B 326 4.10 -21.84 -28.37
CA LEU B 326 4.15 -23.09 -27.60
C LEU B 326 4.88 -24.19 -28.35
N ILE B 327 4.76 -24.21 -29.69
CA ILE B 327 5.54 -25.15 -30.48
C ILE B 327 7.03 -24.86 -30.38
N HIS B 328 7.44 -23.60 -30.55
CA HIS B 328 8.86 -23.30 -30.51
C HIS B 328 9.39 -23.08 -29.09
N LEU B 329 8.55 -23.27 -28.07
CA LEU B 329 8.97 -23.32 -26.68
C LEU B 329 9.12 -24.76 -26.20
N GLU B 330 8.23 -25.66 -26.66
CA GLU B 330 8.29 -27.06 -26.23
C GLU B 330 9.51 -27.76 -26.80
N LYS B 331 9.88 -27.48 -28.03
CA LYS B 331 11.08 -28.07 -28.61
C LYS B 331 12.28 -27.13 -28.41
N THR B 332 13.38 -27.39 -29.11
CA THR B 332 14.64 -26.68 -28.89
C THR B 332 14.58 -25.24 -29.40
N GLU B 333 15.67 -24.51 -29.15
CA GLU B 333 15.66 -23.04 -29.13
C GLU B 333 15.64 -22.40 -30.52
N GLU B 334 15.76 -23.16 -31.61
CA GLU B 334 15.68 -22.57 -32.94
C GLU B 334 14.29 -22.00 -33.21
N MET B 335 14.28 -20.84 -33.88
CA MET B 335 13.08 -20.07 -34.27
C MET B 335 12.29 -19.55 -33.07
N HIS B 336 12.90 -19.48 -31.89
CA HIS B 336 12.18 -19.00 -30.72
C HIS B 336 12.07 -17.48 -30.71
N GLU B 337 13.15 -16.79 -31.06
CA GLU B 337 13.17 -15.34 -31.02
C GLU B 337 12.26 -14.72 -32.08
N ALA B 338 12.01 -15.43 -33.18
CA ALA B 338 10.99 -14.99 -34.13
C ALA B 338 9.61 -15.02 -33.49
N ALA B 339 9.33 -16.05 -32.68
CA ALA B 339 8.05 -16.13 -31.99
C ALA B 339 7.91 -15.03 -30.93
N VAL B 340 9.01 -14.71 -30.25
CA VAL B 340 8.99 -13.65 -29.25
C VAL B 340 8.77 -12.28 -29.90
N SER B 341 9.47 -12.02 -31.02
CA SER B 341 9.25 -10.78 -31.76
C SER B 341 7.84 -10.71 -32.34
N MET B 342 7.29 -11.86 -32.76
CA MET B 342 5.91 -11.93 -33.22
C MET B 342 4.94 -11.55 -32.11
N PHE B 343 5.20 -12.03 -30.89
CA PHE B 343 4.42 -11.62 -29.72
C PHE B 343 4.46 -10.12 -29.52
N TYR B 344 5.65 -9.51 -29.63
CA TYR B 344 5.75 -8.07 -29.38
C TYR B 344 5.11 -7.23 -30.48
N TYR B 345 5.26 -7.63 -31.75
CA TYR B 345 4.63 -6.87 -32.83
C TYR B 345 3.11 -7.01 -32.79
N TYR B 346 2.61 -8.21 -32.46
CA TYR B 346 1.19 -8.42 -32.27
C TYR B 346 0.64 -7.57 -31.15
N GLY B 347 1.35 -7.54 -30.00
CA GLY B 347 0.95 -6.69 -28.89
C GLY B 347 0.89 -5.22 -29.24
N VAL B 348 1.91 -4.73 -29.97
CA VAL B 348 1.96 -3.31 -30.34
C VAL B 348 0.80 -2.94 -31.26
N ALA B 349 0.59 -3.74 -32.31
CA ALA B 349 -0.50 -3.45 -33.27
C ALA B 349 -1.86 -3.54 -32.60
N MET B 350 -2.05 -4.53 -31.73
CA MET B 350 -3.34 -4.73 -31.10
C MET B 350 -3.66 -3.63 -30.11
N MET B 351 -2.66 -3.20 -29.32
CA MET B 351 -2.92 -2.15 -28.36
C MET B 351 -3.08 -0.79 -29.02
N ALA B 352 -2.44 -0.59 -30.19
CA ALA B 352 -2.73 0.61 -30.97
C ALA B 352 -4.16 0.63 -31.47
N CYS B 353 -4.66 -0.52 -31.94
CA CYS B 353 -6.06 -0.59 -32.40
C CYS B 353 -7.03 -0.41 -31.24
N MET B 354 -6.69 -0.94 -30.06
CA MET B 354 -7.56 -0.76 -28.90
C MET B 354 -7.55 0.69 -28.42
N CYS B 355 -6.41 1.38 -28.52
CA CYS B 355 -6.36 2.80 -28.21
C CYS B 355 -7.23 3.60 -29.16
N VAL B 356 -7.20 3.27 -30.45
CA VAL B 356 -8.03 3.97 -31.43
C VAL B 356 -9.52 3.73 -31.16
N GLY B 357 -9.90 2.49 -30.84
CA GLY B 357 -11.29 2.18 -30.54
C GLY B 357 -11.81 2.87 -29.29
N SER B 358 -11.03 2.81 -28.21
CA SER B 358 -11.44 3.45 -26.96
C SER B 358 -11.48 4.97 -27.08
N GLY B 359 -10.51 5.55 -27.79
CA GLY B 359 -10.55 6.98 -28.06
C GLY B 359 -11.75 7.40 -28.89
N THR B 360 -12.11 6.58 -29.88
CA THR B 360 -13.30 6.87 -30.68
C THR B 360 -14.56 6.83 -29.84
N GLY B 361 -14.67 5.86 -28.93
CA GLY B 361 -15.77 5.83 -27.98
C GLY B 361 -15.83 7.07 -27.11
N LEU B 362 -14.67 7.51 -26.61
CA LEU B 362 -14.63 8.72 -25.78
C LEU B 362 -15.03 9.97 -26.55
N LEU B 363 -14.63 10.07 -27.83
CA LEU B 363 -15.01 11.24 -28.63
C LEU B 363 -16.49 11.23 -28.98
N VAL B 364 -17.07 10.04 -29.20
CA VAL B 364 -18.52 9.95 -29.38
C VAL B 364 -19.25 10.39 -28.11
N TYR B 365 -18.70 10.04 -26.94
CA TYR B 365 -19.26 10.54 -25.69
C TYR B 365 -19.11 12.04 -25.54
N ARG B 366 -17.98 12.61 -25.99
CA ARG B 366 -17.77 14.04 -25.80
C ARG B 366 -18.64 14.88 -26.72
N MET B 367 -18.87 14.42 -27.94
CA MET B 367 -19.71 15.19 -28.86
C MET B 367 -21.16 15.22 -28.42
N GLU B 368 -21.65 14.13 -27.83
CA GLU B 368 -23.01 14.12 -27.27
C GLU B 368 -22.96 14.70 -25.86
N ASN B 369 -23.41 15.94 -25.71
CA ASN B 369 -23.39 16.60 -24.41
C ASN B 369 -24.53 16.12 -23.53
N ARG B 370 -24.24 15.95 -22.24
CA ARG B 370 -25.16 15.45 -21.25
C ARG B 370 -25.03 16.29 -19.99
N PRO B 371 -26.08 16.35 -19.16
CA PRO B 371 -25.91 16.90 -17.80
C PRO B 371 -25.12 15.93 -16.92
N MET B 372 -23.80 15.97 -17.06
CA MET B 372 -22.93 14.94 -16.54
C MET B 372 -22.73 15.06 -15.03
N ASP B 373 -22.57 13.89 -14.40
CA ASP B 373 -21.89 13.72 -13.11
C ASP B 373 -22.58 14.44 -11.95
N THR B 374 -23.89 14.28 -11.84
CA THR B 374 -24.65 14.90 -10.78
C THR B 374 -25.04 13.91 -9.68
N GLY B 375 -25.09 12.61 -9.99
CA GLY B 375 -25.62 11.63 -9.06
C GLY B 375 -24.72 11.28 -7.89
N SER B 376 -23.40 11.54 -8.00
CA SER B 376 -22.40 11.29 -6.96
C SER B 376 -22.39 9.83 -6.51
N ASN B 377 -22.23 8.93 -7.48
CA ASN B 377 -22.41 7.50 -7.31
C ASN B 377 -21.22 6.84 -6.61
N PRO B 378 -21.42 6.24 -5.44
CA PRO B 378 -20.34 5.48 -4.78
C PRO B 378 -20.01 4.15 -5.45
N ALA B 379 -20.95 3.57 -6.20
CA ALA B 379 -20.66 2.36 -6.98
C ALA B 379 -19.66 2.67 -8.08
N ARG B 380 -19.70 3.88 -8.62
CA ARG B 380 -18.68 4.34 -9.55
C ARG B 380 -17.31 4.35 -8.91
N THR B 381 -17.24 4.80 -7.65
CA THR B 381 -15.99 4.75 -6.91
C THR B 381 -15.52 3.31 -6.69
N LEU B 382 -16.45 2.40 -6.41
CA LEU B 382 -16.09 0.99 -6.19
C LEU B 382 -15.50 0.34 -7.44
N ASP B 383 -16.19 0.45 -8.58
CA ASP B 383 -15.66 -0.12 -9.82
C ASP B 383 -14.41 0.60 -10.28
N THR B 384 -14.30 1.90 -9.99
CA THR B 384 -13.11 2.66 -10.33
C THR B 384 -11.89 2.17 -9.55
N GLU B 385 -12.05 1.93 -8.25
CA GLU B 385 -10.94 1.40 -7.46
C GLU B 385 -10.58 -0.02 -7.87
N LEU B 386 -11.56 -0.83 -8.28
CA LEU B 386 -11.22 -2.15 -8.79
C LEU B 386 -10.40 -2.08 -10.07
N LEU B 387 -10.78 -1.20 -11.00
CA LEU B 387 -10.02 -1.08 -12.25
C LEU B 387 -8.63 -0.49 -12.04
N LEU B 388 -8.51 0.50 -11.15
CA LEU B 388 -7.19 1.06 -10.87
C LEU B 388 -6.27 0.08 -10.15
N ALA B 389 -6.81 -0.67 -9.18
CA ALA B 389 -6.02 -1.67 -8.48
C ALA B 389 -5.59 -2.79 -9.41
N SER B 390 -6.42 -3.15 -10.38
CA SER B 390 -6.01 -4.14 -11.37
C SER B 390 -4.95 -3.58 -12.32
N SER B 391 -5.07 -2.30 -12.68
CA SER B 391 -4.12 -1.70 -13.61
C SER B 391 -2.75 -1.47 -13.02
N LEU B 392 -2.63 -1.45 -11.67
CA LEU B 392 -1.37 -1.17 -10.99
C LEU B 392 -0.23 -2.09 -11.38
N GLY B 393 -0.48 -3.38 -11.51
CA GLY B 393 0.56 -4.35 -11.78
C GLY B 393 1.21 -4.17 -13.14
N SER B 394 0.39 -4.05 -14.16
CA SER B 394 0.91 -3.83 -15.50
C SER B 394 1.52 -2.45 -15.66
N TRP B 395 1.02 -1.44 -14.96
CA TRP B 395 1.67 -0.14 -14.99
C TRP B 395 3.06 -0.19 -14.37
N LEU B 396 3.22 -0.93 -13.28
CA LEU B 396 4.54 -1.09 -12.66
C LEU B 396 5.49 -1.84 -13.58
N MET B 397 5.00 -2.90 -14.23
CA MET B 397 5.81 -3.67 -15.18
C MET B 397 6.25 -2.81 -16.37
N SER B 398 5.33 -2.01 -16.90
CA SER B 398 5.65 -1.16 -18.05
C SER B 398 6.62 -0.05 -17.69
N TRP B 399 6.48 0.56 -16.52
CA TRP B 399 7.43 1.60 -16.16
C TRP B 399 8.80 1.02 -15.82
N CYS B 400 8.86 -0.20 -15.30
CA CYS B 400 10.16 -0.85 -15.14
C CYS B 400 10.83 -1.11 -16.48
N SER B 401 10.05 -1.51 -17.49
CA SER B 401 10.62 -1.70 -18.82
C SER B 401 11.05 -0.38 -19.46
N VAL B 402 10.30 0.69 -19.23
CA VAL B 402 10.66 2.00 -19.77
C VAL B 402 11.94 2.51 -19.13
N VAL B 403 12.08 2.35 -17.82
CA VAL B 403 13.29 2.78 -17.11
C VAL B 403 14.50 2.00 -17.58
N ALA B 404 14.35 0.68 -17.77
CA ALA B 404 15.47 -0.14 -18.24
C ALA B 404 15.88 0.23 -19.66
N SER B 405 14.92 0.46 -20.55
CA SER B 405 15.25 0.79 -21.93
C SER B 405 15.86 2.19 -22.05
N VAL B 406 15.37 3.16 -21.28
CA VAL B 406 15.94 4.50 -21.30
C VAL B 406 17.35 4.50 -20.70
N ALA B 407 17.56 3.72 -19.63
CA ALA B 407 18.89 3.60 -19.06
C ALA B 407 19.87 2.93 -20.02
N GLU B 408 19.38 2.00 -20.85
CA GLU B 408 20.26 1.41 -21.85
C GLU B 408 20.51 2.37 -23.01
N ALA B 409 19.50 3.16 -23.37
CA ALA B 409 19.64 4.14 -24.45
C ALA B 409 20.60 5.25 -24.08
N GLY B 410 20.70 5.56 -22.79
CA GLY B 410 21.66 6.55 -22.30
C GLY B 410 23.12 6.20 -22.50
N GLN B 411 23.42 4.95 -22.88
CA GLN B 411 24.76 4.53 -23.20
C GLN B 411 25.04 4.57 -24.71
N LYS B 412 24.03 4.92 -25.52
CA LYS B 412 24.04 4.78 -26.99
C LYS B 412 24.43 3.37 -27.43
N SER B 413 23.85 2.39 -26.74
CA SER B 413 24.15 0.98 -26.89
C SER B 413 23.47 0.39 -28.12
N PRO B 414 23.94 -0.76 -28.60
CA PRO B 414 23.13 -1.55 -29.52
C PRO B 414 22.03 -2.31 -28.79
N SER B 415 21.20 -2.99 -29.59
CA SER B 415 20.03 -3.76 -29.14
C SER B 415 19.04 -2.90 -28.35
N PHE B 416 18.70 -1.75 -28.92
CA PHE B 416 17.71 -0.83 -28.35
C PHE B 416 16.33 -1.03 -28.99
N SER B 417 16.26 -0.91 -30.32
CA SER B 417 15.24 -1.45 -31.23
C SER B 417 13.84 -0.86 -31.13
N TRP B 418 13.60 0.10 -30.23
CA TRP B 418 12.36 0.91 -30.15
C TRP B 418 11.04 0.16 -29.96
N THR B 419 11.03 -1.17 -29.96
CA THR B 419 9.78 -1.89 -29.86
C THR B 419 9.37 -2.10 -28.41
N SER B 420 10.35 -2.19 -27.50
CA SER B 420 10.02 -2.32 -26.09
C SER B 420 9.43 -1.04 -25.53
N LEU B 421 9.98 0.13 -25.93
CA LEU B 421 9.41 1.40 -25.51
C LEU B 421 8.01 1.61 -26.05
N THR B 422 7.80 1.29 -27.32
CA THR B 422 6.49 1.45 -27.93
C THR B 422 5.47 0.54 -27.29
N TYR B 423 5.86 -0.72 -27.04
CA TYR B 423 5.00 -1.68 -26.38
C TYR B 423 4.62 -1.24 -24.97
N SER B 424 5.61 -0.81 -24.17
CA SER B 424 5.37 -0.46 -22.78
C SER B 424 4.56 0.82 -22.64
N LEU B 425 4.93 1.87 -23.39
CA LEU B 425 4.19 3.12 -23.32
C LEU B 425 2.78 2.97 -23.88
N LEU B 426 2.63 2.16 -24.92
CA LEU B 426 1.31 1.96 -25.49
C LEU B 426 0.45 1.11 -24.56
N LEU B 427 1.07 0.22 -23.78
CA LEU B 427 0.35 -0.54 -22.77
C LEU B 427 -0.19 0.35 -21.65
N VAL B 428 0.65 1.28 -21.17
CA VAL B 428 0.21 2.26 -20.17
C VAL B 428 -0.95 3.10 -20.70
N LEU B 429 -0.78 3.62 -21.92
CA LEU B 429 -1.78 4.50 -22.52
C LEU B 429 -3.09 3.75 -22.79
N GLU B 430 -2.98 2.49 -23.23
CA GLU B 430 -4.15 1.68 -23.52
C GLU B 430 -4.97 1.38 -22.28
N LYS B 431 -4.31 1.04 -21.17
CA LYS B 431 -5.07 0.80 -19.95
C LYS B 431 -5.68 2.08 -19.41
N CYS B 432 -5.00 3.22 -19.54
CA CYS B 432 -5.59 4.49 -19.09
C CYS B 432 -6.84 4.85 -19.88
N ILE B 433 -6.77 4.77 -21.20
CA ILE B 433 -7.91 5.15 -22.04
C ILE B 433 -9.06 4.15 -21.88
N GLN B 434 -8.73 2.85 -21.75
CA GLN B 434 -9.78 1.85 -21.59
C GLN B 434 -10.49 1.98 -20.25
N ASN B 435 -9.75 2.26 -19.17
CA ASN B 435 -10.37 2.49 -17.87
C ASN B 435 -11.30 3.69 -17.92
N LEU B 436 -10.85 4.76 -18.56
CA LEU B 436 -11.68 5.96 -18.67
C LEU B 436 -12.95 5.68 -19.48
N PHE B 437 -12.82 4.91 -20.56
CA PHE B 437 -13.97 4.57 -21.40
C PHE B 437 -14.97 3.70 -20.65
N ILE B 438 -14.50 2.68 -19.93
CA ILE B 438 -15.41 1.77 -19.23
C ILE B 438 -16.13 2.49 -18.10
N VAL B 439 -15.39 3.30 -17.33
CA VAL B 439 -15.98 4.01 -16.20
C VAL B 439 -17.01 5.05 -16.68
N GLU B 440 -16.71 5.75 -17.78
CA GLU B 440 -17.72 6.67 -18.30
C GLU B 440 -18.91 5.94 -18.92
N SER B 441 -18.66 4.79 -19.56
CA SER B 441 -19.74 4.04 -20.20
C SER B 441 -20.72 3.48 -19.18
N LEU B 442 -20.22 3.01 -18.04
CA LEU B 442 -21.11 2.36 -17.08
C LEU B 442 -21.98 3.34 -16.30
N TYR B 443 -21.73 4.64 -16.38
CA TYR B 443 -22.43 5.59 -15.51
C TYR B 443 -22.90 6.81 -16.29
N ARG B 444 -23.63 6.58 -17.37
CA ARG B 444 -24.28 7.66 -18.10
C ARG B 444 -25.76 7.73 -17.75
N PRO B 511 -27.85 9.58 -33.27
CA PRO B 511 -28.94 8.74 -32.77
C PRO B 511 -28.64 7.24 -32.86
N GLY B 512 -29.34 6.54 -33.76
CA GLY B 512 -29.12 5.11 -33.94
C GLY B 512 -27.73 4.78 -34.45
N ARG B 513 -27.16 5.67 -35.28
CA ARG B 513 -25.81 5.45 -35.79
C ARG B 513 -24.78 5.49 -34.67
N LYS B 514 -25.01 6.32 -33.65
CA LYS B 514 -24.12 6.29 -32.49
C LYS B 514 -24.28 5.01 -31.69
N ARG B 515 -25.49 4.43 -31.65
CA ARG B 515 -25.64 3.09 -31.06
C ARG B 515 -24.86 2.04 -31.84
N GLN B 516 -24.88 2.09 -33.17
CA GLN B 516 -24.16 1.09 -33.94
C GLN B 516 -22.65 1.26 -33.80
N ILE B 517 -22.18 2.51 -33.75
CA ILE B 517 -20.76 2.77 -33.52
C ILE B 517 -20.33 2.28 -32.14
N LEU B 518 -21.12 2.59 -31.11
CA LEU B 518 -20.76 2.18 -29.76
C LEU B 518 -20.82 0.68 -29.58
N LYS B 519 -21.80 0.01 -30.20
CA LYS B 519 -21.89 -1.45 -30.07
C LYS B 519 -20.76 -2.14 -30.83
N ASN B 520 -20.36 -1.61 -31.98
CA ASN B 520 -19.22 -2.18 -32.69
C ASN B 520 -17.92 -2.00 -31.91
N ILE B 521 -17.74 -0.83 -31.29
CA ILE B 521 -16.57 -0.59 -30.46
C ILE B 521 -16.56 -1.51 -29.25
N CYS B 522 -17.73 -1.72 -28.64
CA CYS B 522 -17.81 -2.58 -27.46
C CYS B 522 -17.53 -4.04 -27.79
N MET B 523 -18.03 -4.54 -28.92
CA MET B 523 -17.72 -5.90 -29.31
C MET B 523 -16.25 -6.06 -29.70
N PHE B 524 -15.67 -5.05 -30.35
CA PHE B 524 -14.26 -5.11 -30.70
C PHE B 524 -13.38 -5.14 -29.45
N LEU B 525 -13.67 -4.27 -28.48
CA LEU B 525 -12.88 -4.26 -27.25
C LEU B 525 -13.12 -5.51 -26.40
N PHE B 526 -14.34 -6.04 -26.45
CA PHE B 526 -14.67 -7.28 -25.75
C PHE B 526 -13.83 -8.44 -26.25
N MET B 527 -13.80 -8.65 -27.57
CA MET B 527 -13.02 -9.75 -28.11
C MET B 527 -11.53 -9.49 -28.02
N CYS B 528 -11.09 -8.22 -28.07
CA CYS B 528 -9.68 -7.92 -27.88
C CYS B 528 -9.22 -8.21 -26.45
N ASN B 529 -10.06 -7.94 -25.46
CA ASN B 529 -9.71 -8.25 -24.09
C ASN B 529 -9.73 -9.76 -23.84
N ILE B 530 -10.62 -10.49 -24.50
CA ILE B 530 -10.59 -11.96 -24.42
C ILE B 530 -9.29 -12.49 -25.00
N SER B 531 -8.88 -11.96 -26.15
CA SER B 531 -7.62 -12.34 -26.79
C SER B 531 -6.41 -12.06 -25.90
N LEU B 532 -6.34 -10.85 -25.34
CA LEU B 532 -5.22 -10.51 -24.47
C LEU B 532 -5.31 -11.21 -23.12
N TRP B 533 -6.47 -11.78 -22.77
CA TRP B 533 -6.50 -12.68 -21.62
C TRP B 533 -5.92 -14.04 -21.96
N ILE B 534 -6.34 -14.61 -23.10
CA ILE B 534 -5.97 -16.00 -23.39
C ILE B 534 -4.50 -16.11 -23.77
N LEU B 535 -3.87 -15.01 -24.19
CA LEU B 535 -2.47 -15.13 -24.60
C LEU B 535 -1.50 -15.41 -23.45
N PRO B 536 -1.51 -14.69 -22.28
CA PRO B 536 -0.63 -15.12 -21.20
C PRO B 536 -1.16 -16.23 -20.30
N ALA B 537 -2.49 -16.42 -20.27
CA ALA B 537 -3.09 -17.45 -19.42
C ALA B 537 -2.74 -18.84 -19.90
N PHE B 538 -2.64 -19.03 -21.21
CA PHE B 538 -2.26 -20.30 -21.79
C PHE B 538 -0.76 -20.50 -21.87
N GLY B 539 0.02 -19.65 -21.22
CA GLY B 539 1.42 -19.94 -20.99
C GLY B 539 2.42 -19.32 -21.91
N CYS B 540 2.12 -18.18 -22.55
CA CYS B 540 3.14 -17.54 -23.36
C CYS B 540 4.22 -16.93 -22.49
N ARG B 541 3.92 -15.79 -21.84
CA ARG B 541 4.72 -15.06 -20.86
C ARG B 541 6.23 -14.98 -21.14
N PRO B 542 6.69 -14.35 -22.23
CA PRO B 542 8.14 -14.34 -22.50
C PRO B 542 8.90 -13.35 -21.64
N GLN B 543 8.21 -12.46 -20.92
CA GLN B 543 8.83 -11.34 -20.20
C GLN B 543 9.82 -11.79 -19.13
N TYR B 544 9.69 -13.03 -18.65
CA TYR B 544 10.61 -13.56 -17.65
C TYR B 544 12.02 -13.74 -18.20
N ASP B 545 12.18 -13.86 -19.51
CA ASP B 545 13.49 -14.10 -20.10
C ASP B 545 14.06 -12.89 -20.82
N ASN B 546 13.56 -11.69 -20.54
CA ASN B 546 14.11 -10.48 -21.14
C ASN B 546 15.48 -10.18 -20.56
N PRO B 547 16.51 -10.08 -21.40
CA PRO B 547 17.84 -9.77 -20.87
C PRO B 547 18.03 -8.31 -20.48
N LEU B 548 17.09 -7.43 -20.82
CA LEU B 548 17.26 -6.02 -20.54
C LEU B 548 16.81 -5.67 -19.14
N GLU B 549 15.65 -6.16 -18.71
CA GLU B 549 15.14 -5.85 -17.37
C GLU B 549 15.81 -6.72 -16.32
N ASN B 550 16.17 -7.95 -16.66
CA ASN B 550 17.24 -8.63 -15.97
C ASN B 550 18.53 -7.87 -16.22
N GLU B 551 19.47 -7.95 -15.26
CA GLU B 551 20.75 -7.22 -15.23
C GLU B 551 20.56 -5.72 -14.99
N THR B 552 19.33 -5.23 -14.94
CA THR B 552 19.02 -3.88 -14.49
C THR B 552 18.36 -3.89 -13.13
N PHE B 553 17.40 -4.76 -12.92
CA PHE B 553 16.75 -4.93 -11.63
C PHE B 553 17.22 -6.17 -10.89
N GLY B 554 17.89 -7.09 -11.56
CA GLY B 554 18.18 -8.38 -10.98
C GLY B 554 17.11 -9.40 -11.34
N THR B 555 17.48 -10.68 -11.24
CA THR B 555 16.55 -11.73 -11.62
C THR B 555 15.42 -11.88 -10.60
N SER B 556 15.73 -11.70 -9.32
CA SER B 556 14.73 -11.90 -8.28
C SER B 556 13.72 -10.78 -8.23
N VAL B 557 14.16 -9.53 -8.41
CA VAL B 557 13.24 -8.40 -8.36
C VAL B 557 12.36 -8.39 -9.59
N TRP B 558 12.93 -8.67 -10.77
CA TRP B 558 12.15 -8.70 -11.99
C TRP B 558 11.15 -9.85 -11.99
N THR B 559 11.55 -11.01 -11.46
CA THR B 559 10.63 -12.14 -11.36
C THR B 559 9.49 -11.84 -10.39
N THR B 560 9.79 -11.19 -9.26
CA THR B 560 8.72 -10.83 -8.32
C THR B 560 7.79 -9.78 -8.90
N VAL B 561 8.34 -8.80 -9.64
CA VAL B 561 7.51 -7.79 -10.29
C VAL B 561 6.60 -8.42 -11.32
N LEU B 562 7.09 -9.41 -12.07
CA LEU B 562 6.25 -10.11 -13.03
C LEU B 562 5.20 -10.98 -12.34
N ASN B 563 5.54 -11.59 -11.20
CA ASN B 563 4.55 -12.38 -10.46
C ASN B 563 3.46 -11.51 -9.84
N VAL B 564 3.75 -10.24 -9.58
CA VAL B 564 2.70 -9.33 -9.17
C VAL B 564 1.89 -8.88 -10.38
N ALA B 565 2.57 -8.59 -11.49
CA ALA B 565 1.94 -7.94 -12.63
C ALA B 565 1.01 -8.86 -13.41
N ILE B 566 1.44 -10.09 -13.67
CA ILE B 566 0.71 -10.92 -14.65
C ILE B 566 -0.60 -11.48 -14.11
N PRO B 567 -0.71 -12.03 -12.87
CA PRO B 567 -2.05 -12.36 -12.35
C PRO B 567 -2.99 -11.17 -12.19
N LEU B 568 -2.48 -10.01 -11.79
CA LEU B 568 -3.32 -8.81 -11.78
C LEU B 568 -3.76 -8.44 -13.18
N ASN B 569 -2.91 -8.65 -14.17
CA ASN B 569 -3.29 -8.40 -15.57
C ASN B 569 -4.40 -9.35 -16.01
N LEU B 570 -4.34 -10.61 -15.57
CA LEU B 570 -5.39 -11.57 -15.90
C LEU B 570 -6.72 -11.18 -15.28
N PHE B 571 -6.69 -10.77 -13.99
CA PHE B 571 -7.90 -10.31 -13.32
C PHE B 571 -8.45 -9.06 -13.99
N TYR B 572 -7.56 -8.17 -14.43
CA TYR B 572 -7.97 -6.96 -15.16
C TYR B 572 -8.70 -7.32 -16.44
N ARG B 573 -8.16 -8.26 -17.21
CA ARG B 573 -8.79 -8.62 -18.48
C ARG B 573 -10.13 -9.30 -18.28
N MET B 574 -10.26 -10.13 -17.23
CA MET B 574 -11.55 -10.74 -16.94
C MET B 574 -12.59 -9.72 -16.50
N HIS B 575 -12.19 -8.81 -15.60
CA HIS B 575 -13.09 -7.75 -15.14
C HIS B 575 -13.51 -6.84 -16.29
N SER B 576 -12.57 -6.52 -17.18
CA SER B 576 -12.89 -5.68 -18.34
C SER B 576 -13.79 -6.39 -19.33
N VAL B 577 -13.63 -7.71 -19.49
CA VAL B 577 -14.53 -8.48 -20.36
C VAL B 577 -15.96 -8.43 -19.83
N ALA B 578 -16.14 -8.67 -18.53
CA ALA B 578 -17.48 -8.61 -17.95
C ALA B 578 -18.06 -7.20 -18.00
N SER B 579 -17.23 -6.19 -17.75
CA SER B 579 -17.71 -4.81 -17.78
C SER B 579 -18.09 -4.36 -19.19
N LEU B 580 -17.29 -4.74 -20.19
CA LEU B 580 -17.61 -4.38 -21.56
C LEU B 580 -18.83 -5.13 -22.06
N PHE B 581 -19.06 -6.36 -21.58
CA PHE B 581 -20.29 -7.05 -21.92
C PHE B 581 -21.50 -6.35 -21.31
N GLU B 582 -21.38 -5.88 -20.07
CA GLU B 582 -22.49 -5.16 -19.45
C GLU B 582 -22.75 -3.82 -20.14
N VAL B 583 -21.69 -3.16 -20.60
CA VAL B 583 -21.83 -1.93 -21.39
C VAL B 583 -22.51 -2.21 -22.72
N PHE B 584 -22.17 -3.34 -23.35
CA PHE B 584 -22.66 -3.68 -24.69
C PHE B 584 -24.18 -3.80 -24.74
N ARG B 585 -24.79 -4.42 -23.74
CA ARG B 585 -26.25 -4.57 -23.74
C ARG B 585 -26.92 -3.35 -23.11
N LYS B 586 -26.62 -2.19 -23.69
CA LYS B 586 -27.28 -0.93 -23.37
C LYS B 586 -27.48 -0.15 -24.66
#